data_5GPC
#
_entry.id   5GPC
#
_cell.length_a   46.500
_cell.length_b   76.935
_cell.length_c   87.022
_cell.angle_alpha   103.830
_cell.angle_beta   105.480
_cell.angle_gamma   89.640
#
_symmetry.space_group_name_H-M   'P 1'
#
loop_
_entity.id
_entity.type
_entity.pdbx_description
1 polymer 'Transcriptional regulator (TetR/AcrR family)'
2 polymer "DNA (5'-D(P*CP*AP*TP*GP*AP*AP*TP*GP*AP*GP*TP*AP*TP*TP*CP*AP*TP*TP*CP*AP*T)-3')"
3 polymer "DNA (5'-D(P*GP*AP*TP*GP*AP*AP*TP*GP*AP*AP*TP*AP*CP*TP*CP*AP*TP*TP*CP*AP*T)-3')"
4 water water
#
loop_
_entity_poly.entity_id
_entity_poly.type
_entity_poly.pdbx_seq_one_letter_code
_entity_poly.pdbx_strand_id
1 'polypeptide(L)'
;GKKKGPKYDQIIDAAVQVIAEHGYHQAQVSKIAKAAGVADGTIYLYFNNKEDVLISLFQEKMGRFVDKIRSQMNEATDVE
EKLKILVNMHFKQLAADHKLAIVTQLELRQSNTELRLKINEVLKGYLNLLDELLMEGKEKGYFFQELDTRLARQMIFGTL
DEVVTNWVMKDCKYDLTALVKPVHQLLLGGLRHR
;
A,B,C,D
2 'polydeoxyribonucleotide'
;(DC)(DA)(DT)(DG)(DA)(DA)(DT)(DG)(DA)(DG)(DT)(DA)(DT)(DT)(DC)(DA)(DT)(DT)(DC)(DA)
(DT)
;
G
3 'polydeoxyribonucleotide'
;(DG)(DA)(DT)(DG)(DA)(DA)(DT)(DG)(DA)(DA)(DT)(DA)(DC)(DT)(DC)(DA)(DT)(DT)(DC)(DA)
(DT)
;
E
#
# COMPACT_ATOMS: atom_id res chain seq x y z
N LYS A 3 4.63 -13.26 27.89
CA LYS A 3 3.82 -14.38 27.41
C LYS A 3 3.23 -14.08 26.04
N LYS A 4 2.40 -14.99 25.54
CA LYS A 4 1.79 -14.84 24.23
C LYS A 4 0.30 -15.17 24.24
N GLY A 5 -0.13 -15.95 25.23
CA GLY A 5 -1.53 -16.34 25.33
C GLY A 5 -1.90 -17.41 24.33
N PRO A 6 -2.99 -18.14 24.62
CA PRO A 6 -3.44 -19.28 23.81
C PRO A 6 -3.78 -18.91 22.37
N LYS A 7 -4.27 -17.69 22.15
CA LYS A 7 -4.70 -17.26 20.83
C LYS A 7 -3.55 -17.23 19.82
N TYR A 8 -2.33 -17.01 20.32
CA TYR A 8 -1.14 -17.04 19.48
C TYR A 8 -1.00 -18.41 18.83
N ASP A 9 -0.97 -19.45 19.66
CA ASP A 9 -0.81 -20.81 19.18
C ASP A 9 -2.00 -21.21 18.31
N GLN A 10 -3.20 -20.89 18.77
CA GLN A 10 -4.44 -21.11 18.02
C GLN A 10 -4.34 -20.64 16.58
N ILE A 11 -3.84 -19.42 16.42
CA ILE A 11 -3.74 -18.78 15.12
C ILE A 11 -2.73 -19.49 14.22
N ILE A 12 -1.55 -19.81 14.76
CA ILE A 12 -0.52 -20.49 13.98
C ILE A 12 -0.99 -21.89 13.57
N ASP A 13 -1.67 -22.59 14.47
CA ASP A 13 -2.25 -23.89 14.15
C ASP A 13 -3.32 -23.75 13.07
N ALA A 14 -4.20 -22.77 13.24
CA ALA A 14 -5.26 -22.50 12.28
C ALA A 14 -4.69 -22.22 10.90
N ALA A 15 -3.65 -21.39 10.85
CA ALA A 15 -3.02 -21.01 9.59
C ALA A 15 -2.42 -22.22 8.87
N VAL A 16 -1.71 -23.06 9.61
CA VAL A 16 -1.08 -24.26 9.06
C VAL A 16 -2.08 -25.12 8.29
N GLN A 17 -3.19 -25.45 8.95
CA GLN A 17 -4.15 -26.39 8.39
C GLN A 17 -5.06 -25.76 7.33
N VAL A 18 -5.27 -24.45 7.41
CA VAL A 18 -6.04 -23.77 6.37
C VAL A 18 -5.27 -23.80 5.07
N ILE A 19 -4.00 -23.36 5.12
CA ILE A 19 -3.12 -23.41 3.96
C ILE A 19 -3.02 -24.84 3.41
N ALA A 20 -3.21 -25.83 4.27
CA ALA A 20 -3.04 -27.24 3.90
C ALA A 20 -4.28 -27.86 3.24
N GLU A 21 -5.44 -27.28 3.48
CA GLU A 21 -6.67 -27.79 2.90
C GLU A 21 -7.11 -26.95 1.70
N HIS A 22 -6.54 -25.75 1.58
CA HIS A 22 -7.13 -24.71 0.74
C HIS A 22 -6.11 -24.09 -0.20
N GLY A 23 -4.85 -24.08 0.23
CA GLY A 23 -3.79 -23.51 -0.58
C GLY A 23 -3.31 -22.15 -0.10
N TYR A 24 -2.09 -21.81 -0.52
CA TYR A 24 -1.47 -20.54 -0.22
C TYR A 24 -2.31 -19.36 -0.70
N HIS A 25 -2.90 -19.52 -1.88
CA HIS A 25 -3.67 -18.45 -2.51
C HIS A 25 -5.16 -18.53 -2.22
N GLN A 26 -5.54 -19.33 -1.23
CA GLN A 26 -6.93 -19.41 -0.79
C GLN A 26 -6.99 -19.46 0.74
N ALA A 27 -6.02 -18.82 1.37
CA ALA A 27 -5.97 -18.78 2.83
C ALA A 27 -6.17 -17.36 3.34
N GLN A 28 -7.30 -16.76 2.98
CA GLN A 28 -7.65 -15.41 3.40
C GLN A 28 -7.64 -15.31 4.93
N VAL A 29 -7.32 -14.13 5.44
CA VAL A 29 -7.16 -13.92 6.88
C VAL A 29 -8.43 -14.27 7.65
N SER A 30 -9.59 -13.88 7.12
CA SER A 30 -10.87 -14.18 7.76
C SER A 30 -11.07 -15.67 7.94
N LYS A 31 -10.63 -16.43 6.94
CA LYS A 31 -10.73 -17.88 6.95
C LYS A 31 -9.85 -18.49 8.05
N ILE A 32 -8.64 -17.96 8.18
CA ILE A 32 -7.72 -18.41 9.23
C ILE A 32 -8.27 -18.03 10.60
N ALA A 33 -8.84 -16.83 10.69
CA ALA A 33 -9.38 -16.33 11.94
C ALA A 33 -10.60 -17.15 12.37
N LYS A 34 -11.41 -17.58 11.41
CA LYS A 34 -12.56 -18.43 11.71
C LYS A 34 -12.08 -19.79 12.20
N ALA A 35 -10.99 -20.26 11.62
CA ALA A 35 -10.38 -21.52 12.03
C ALA A 35 -9.79 -21.41 13.44
N ALA A 36 -9.36 -20.21 13.81
CA ALA A 36 -8.78 -19.99 15.12
C ALA A 36 -9.84 -19.65 16.17
N GLY A 37 -11.06 -19.38 15.71
CA GLY A 37 -12.16 -19.06 16.60
C GLY A 37 -12.07 -17.67 17.18
N VAL A 38 -11.33 -16.79 16.50
CA VAL A 38 -11.22 -15.40 16.92
C VAL A 38 -11.62 -14.46 15.78
N ALA A 39 -11.87 -13.20 16.09
CA ALA A 39 -12.28 -12.23 15.08
C ALA A 39 -11.08 -11.80 14.22
N ASP A 40 -11.37 -11.35 13.01
CA ASP A 40 -10.35 -10.96 12.02
C ASP A 40 -9.28 -10.02 12.58
N GLY A 41 -9.73 -8.98 13.29
CA GLY A 41 -8.82 -7.98 13.82
C GLY A 41 -8.01 -8.42 15.01
N THR A 42 -8.32 -9.60 15.55
CA THR A 42 -7.61 -10.14 16.70
C THR A 42 -6.25 -10.69 16.27
N ILE A 43 -6.18 -11.15 15.01
CA ILE A 43 -4.94 -11.63 14.41
C ILE A 43 -3.82 -10.59 14.55
N TYR A 44 -4.19 -9.34 14.37
CA TYR A 44 -3.23 -8.25 14.29
C TYR A 44 -2.83 -7.72 15.67
N LEU A 45 -3.32 -8.38 16.71
CA LEU A 45 -2.89 -8.07 18.07
C LEU A 45 -1.77 -9.02 18.47
N TYR A 46 -1.56 -10.04 17.66
CA TYR A 46 -0.53 -11.04 17.91
C TYR A 46 0.49 -11.06 16.78
N PHE A 47 0.17 -10.38 15.69
CA PHE A 47 1.03 -10.37 14.51
C PHE A 47 0.99 -9.02 13.80
N ASN A 48 2.07 -8.68 13.12
CA ASN A 48 2.12 -7.48 12.32
C ASN A 48 1.27 -7.63 11.06
N ASN A 49 1.66 -8.53 10.18
CA ASN A 49 0.92 -8.76 8.94
C ASN A 49 0.31 -10.14 8.88
N LYS A 50 -0.29 -10.43 7.74
CA LYS A 50 -0.64 -11.80 7.39
C LYS A 50 0.65 -12.56 7.15
N GLU A 51 1.64 -11.84 6.63
CA GLU A 51 2.93 -12.43 6.31
C GLU A 51 3.75 -12.72 7.56
N ASP A 52 3.52 -11.95 8.63
CA ASP A 52 4.19 -12.22 9.89
C ASP A 52 3.64 -13.51 10.50
N VAL A 53 2.36 -13.78 10.25
CA VAL A 53 1.76 -15.04 10.65
C VAL A 53 2.46 -16.17 9.89
N LEU A 54 2.72 -15.94 8.61
CA LEU A 54 3.37 -16.92 7.76
C LEU A 54 4.86 -17.08 8.08
N ILE A 55 5.47 -16.04 8.61
CA ILE A 55 6.86 -16.10 9.01
C ILE A 55 6.99 -16.84 10.34
N SER A 56 6.17 -16.44 11.32
CA SER A 56 6.15 -17.08 12.63
C SER A 56 5.81 -18.55 12.50
N LEU A 57 4.90 -18.86 11.59
CA LEU A 57 4.51 -20.23 11.30
C LEU A 57 5.73 -21.06 10.94
N PHE A 58 6.49 -20.57 9.97
CA PHE A 58 7.65 -21.30 9.47
C PHE A 58 8.75 -21.38 10.52
N GLN A 59 8.91 -20.32 11.31
CA GLN A 59 9.94 -20.29 12.33
C GLN A 59 9.63 -21.25 13.49
N GLU A 60 8.39 -21.26 13.93
CA GLU A 60 7.99 -22.14 15.03
C GLU A 60 8.03 -23.61 14.63
N LYS A 61 7.59 -23.90 13.42
CA LYS A 61 7.39 -25.27 12.98
C LYS A 61 8.63 -25.89 12.34
N MET A 62 9.58 -25.07 11.92
CA MET A 62 10.74 -25.55 11.18
C MET A 62 12.06 -24.93 11.67
N GLY A 63 11.99 -24.06 12.67
CA GLY A 63 13.17 -23.37 13.15
C GLY A 63 14.05 -24.20 14.07
N ARG A 64 13.57 -25.39 14.42
CA ARG A 64 14.34 -26.32 15.25
C ARG A 64 14.57 -27.61 14.48
N PHE A 65 14.13 -27.63 13.23
CA PHE A 65 14.24 -28.78 12.35
C PHE A 65 15.69 -29.28 12.23
N VAL A 66 16.60 -28.37 11.92
CA VAL A 66 18.02 -28.70 11.77
C VAL A 66 18.63 -29.11 13.09
N ASP A 67 18.31 -28.38 14.15
CA ASP A 67 18.76 -28.70 15.50
C ASP A 67 18.45 -30.15 15.88
N LYS A 68 17.25 -30.58 15.56
CA LYS A 68 16.78 -31.92 15.91
C LYS A 68 17.57 -33.00 15.19
N ILE A 69 17.86 -32.77 13.91
CA ILE A 69 18.71 -33.67 13.13
C ILE A 69 20.10 -33.73 13.74
N ARG A 70 20.64 -32.55 14.03
CA ARG A 70 21.94 -32.41 14.66
C ARG A 70 22.00 -33.13 15.99
N SER A 71 20.87 -33.11 16.70
CA SER A 71 20.76 -33.73 18.02
C SER A 71 20.98 -35.24 18.00
N GLN A 72 20.54 -35.89 16.92
CA GLN A 72 20.64 -37.34 16.83
C GLN A 72 21.93 -37.79 16.12
N MET A 73 22.42 -36.96 15.20
CA MET A 73 23.68 -37.24 14.54
C MET A 73 24.82 -37.27 15.55
N ASN A 74 24.68 -36.47 16.60
CA ASN A 74 25.70 -36.39 17.65
C ASN A 74 25.76 -37.64 18.51
N GLU A 75 24.74 -38.49 18.39
CA GLU A 75 24.71 -39.75 19.12
C GLU A 75 25.21 -40.90 18.26
N ALA A 76 26.14 -40.58 17.37
CA ALA A 76 26.80 -41.57 16.53
C ALA A 76 28.22 -41.13 16.21
N THR A 77 29.12 -42.10 16.09
CA THR A 77 30.53 -41.82 15.85
C THR A 77 30.86 -41.85 14.37
N ASP A 78 30.50 -42.95 13.73
CA ASP A 78 30.79 -43.17 12.31
C ASP A 78 30.06 -42.17 11.42
N VAL A 79 30.80 -41.59 10.48
CA VAL A 79 30.26 -40.56 9.59
C VAL A 79 29.16 -41.09 8.68
N GLU A 80 29.32 -42.31 8.19
CA GLU A 80 28.31 -42.90 7.31
C GLU A 80 27.00 -43.16 8.06
N GLU A 81 27.08 -43.37 9.36
CA GLU A 81 25.88 -43.57 10.16
C GLU A 81 25.22 -42.23 10.47
N LYS A 82 26.03 -41.19 10.63
CA LYS A 82 25.53 -39.83 10.80
C LYS A 82 24.66 -39.43 9.61
N LEU A 83 25.18 -39.72 8.42
CA LEU A 83 24.49 -39.44 7.16
C LEU A 83 23.13 -40.15 7.11
N LYS A 84 23.10 -41.37 7.61
CA LYS A 84 21.88 -42.16 7.67
C LYS A 84 20.87 -41.55 8.64
N ILE A 85 21.36 -41.13 9.79
CA ILE A 85 20.53 -40.48 10.80
C ILE A 85 19.97 -39.17 10.27
N LEU A 86 20.76 -38.49 9.44
CA LEU A 86 20.34 -37.25 8.80
C LEU A 86 19.15 -37.50 7.89
N VAL A 87 19.20 -38.58 7.13
CA VAL A 87 18.09 -38.97 6.26
C VAL A 87 16.90 -39.40 7.12
N ASN A 88 17.19 -40.16 8.16
CA ASN A 88 16.15 -40.67 9.04
C ASN A 88 15.41 -39.56 9.78
N MET A 89 16.14 -38.55 10.24
CA MET A 89 15.52 -37.43 10.96
C MET A 89 14.87 -36.43 10.02
N HIS A 90 15.39 -36.33 8.80
CA HIS A 90 14.76 -35.50 7.78
C HIS A 90 13.39 -36.07 7.45
N PHE A 91 13.34 -37.38 7.24
CA PHE A 91 12.10 -38.05 6.85
C PHE A 91 11.13 -38.19 8.02
N LYS A 92 11.65 -38.52 9.20
CA LYS A 92 10.81 -38.72 10.37
C LYS A 92 10.01 -37.47 10.74
N GLN A 93 10.69 -36.31 10.71
CA GLN A 93 10.06 -35.06 11.11
C GLN A 93 8.96 -34.64 10.15
N LEU A 94 9.15 -34.90 8.86
CA LEU A 94 8.15 -34.55 7.86
C LEU A 94 7.01 -35.56 7.83
N ALA A 95 7.33 -36.82 8.08
CA ALA A 95 6.32 -37.88 8.11
C ALA A 95 5.42 -37.70 9.34
N ALA A 96 5.90 -36.96 10.33
CA ALA A 96 5.21 -36.83 11.60
C ALA A 96 4.17 -35.70 11.59
N ASP A 97 4.13 -34.94 10.51
CA ASP A 97 3.15 -33.86 10.38
C ASP A 97 2.77 -33.65 8.92
N HIS A 98 1.68 -34.28 8.50
CA HIS A 98 1.26 -34.25 7.10
C HIS A 98 0.83 -32.86 6.65
N LYS A 99 0.12 -32.14 7.51
CA LYS A 99 -0.34 -30.80 7.18
C LYS A 99 0.84 -29.86 6.98
N LEU A 100 1.82 -29.96 7.86
CA LEU A 100 3.02 -29.12 7.77
C LEU A 100 3.84 -29.48 6.55
N ALA A 101 3.90 -30.76 6.24
CA ALA A 101 4.61 -31.24 5.07
C ALA A 101 4.03 -30.63 3.79
N ILE A 102 2.70 -30.60 3.72
CA ILE A 102 2.01 -30.01 2.58
C ILE A 102 2.31 -28.51 2.49
N VAL A 103 2.33 -27.85 3.64
CA VAL A 103 2.55 -26.40 3.68
C VAL A 103 3.96 -26.02 3.23
N THR A 104 4.97 -26.71 3.75
CA THR A 104 6.36 -26.31 3.53
C THR A 104 6.98 -26.86 2.23
N GLN A 105 6.49 -27.99 1.74
CA GLN A 105 7.04 -28.57 0.53
C GLN A 105 6.33 -28.07 -0.73
N LEU A 106 5.04 -27.77 -0.60
CA LEU A 106 4.25 -27.35 -1.74
C LEU A 106 3.84 -25.88 -1.69
N GLU A 107 2.92 -25.57 -0.77
CA GLU A 107 2.18 -24.31 -0.79
C GLU A 107 3.00 -23.05 -0.50
N LEU A 108 4.07 -23.18 0.27
CA LEU A 108 4.73 -22.01 0.82
C LEU A 108 6.07 -21.73 0.13
N ARG A 109 6.32 -22.48 -0.95
CA ARG A 109 7.50 -22.24 -1.79
C ARG A 109 7.20 -21.19 -2.85
N GLN A 110 5.94 -20.76 -2.90
CA GLN A 110 5.49 -19.78 -3.90
C GLN A 110 5.82 -18.35 -3.49
N SER A 111 6.62 -18.19 -2.44
CA SER A 111 6.92 -16.87 -1.92
C SER A 111 8.10 -16.22 -2.63
N ASN A 112 8.19 -14.90 -2.48
CA ASN A 112 9.25 -14.10 -3.06
C ASN A 112 9.50 -12.92 -2.14
N THR A 113 8.67 -12.83 -1.12
CA THR A 113 8.67 -11.72 -0.17
C THR A 113 9.69 -11.96 0.94
N GLU A 114 9.42 -11.41 2.13
CA GLU A 114 10.34 -11.59 3.25
C GLU A 114 10.25 -13.01 3.80
N LEU A 115 9.14 -13.68 3.53
CA LEU A 115 9.02 -15.08 3.91
C LEU A 115 10.10 -15.88 3.19
N ARG A 116 10.31 -15.56 1.92
CA ARG A 116 11.38 -16.17 1.12
C ARG A 116 12.74 -15.93 1.77
N LEU A 117 12.93 -14.74 2.34
CA LEU A 117 14.13 -14.42 3.09
C LEU A 117 14.29 -15.33 4.29
N LYS A 118 13.23 -15.42 5.09
CA LYS A 118 13.26 -16.17 6.35
C LYS A 118 13.40 -17.68 6.13
N ILE A 119 12.79 -18.19 5.06
CA ILE A 119 12.91 -19.60 4.72
C ILE A 119 14.35 -19.93 4.36
N ASN A 120 14.99 -19.03 3.62
CA ASN A 120 16.37 -19.22 3.21
C ASN A 120 17.34 -19.20 4.38
N GLU A 121 16.96 -18.55 5.46
CA GLU A 121 17.76 -18.55 6.69
C GLU A 121 17.81 -19.96 7.27
N VAL A 122 16.64 -20.58 7.37
CA VAL A 122 16.53 -21.94 7.89
C VAL A 122 17.17 -22.93 6.94
N LEU A 123 16.95 -22.71 5.64
CA LEU A 123 17.52 -23.56 4.61
C LEU A 123 19.04 -23.53 4.65
N LYS A 124 19.58 -22.32 4.83
CA LYS A 124 21.02 -22.18 4.83
C LYS A 124 21.56 -23.01 5.98
N GLY A 125 20.97 -22.87 7.18
CA GLY A 125 21.41 -23.65 8.32
C GLY A 125 21.50 -25.16 8.07
N TYR A 126 20.56 -25.68 7.30
CA TYR A 126 20.52 -27.09 6.94
C TYR A 126 21.65 -27.38 5.98
N LEU A 127 21.82 -26.47 5.03
CA LEU A 127 22.93 -26.60 4.13
C LEU A 127 24.28 -26.51 4.82
N ASN A 128 24.46 -25.85 5.98
CA ASN A 128 25.86 -25.90 6.45
C ASN A 128 26.07 -27.25 7.13
N LEU A 129 25.06 -27.77 7.81
CA LEU A 129 25.17 -29.06 8.47
C LEU A 129 25.59 -30.12 7.46
N LEU A 130 25.07 -30.01 6.24
CA LEU A 130 25.48 -30.88 5.15
C LEU A 130 26.94 -30.64 4.78
N ASP A 131 27.34 -29.37 4.72
CA ASP A 131 28.71 -29.00 4.40
C ASP A 131 29.69 -29.54 5.44
N GLU A 132 29.30 -29.47 6.71
CA GLU A 132 30.15 -29.93 7.80
C GLU A 132 30.28 -31.44 7.81
N LEU A 133 29.16 -32.14 7.66
CA LEU A 133 29.14 -33.59 7.58
C LEU A 133 29.98 -34.08 6.39
N LEU A 134 29.89 -33.35 5.29
CA LEU A 134 30.64 -33.69 4.08
C LEU A 134 32.13 -33.46 4.27
N MET A 135 32.50 -32.35 4.89
CA MET A 135 33.91 -32.05 5.11
C MET A 135 34.52 -32.97 6.16
N GLU A 136 33.70 -33.43 7.10
CA GLU A 136 34.17 -34.36 8.13
C GLU A 136 34.38 -35.75 7.54
N GLY A 137 33.37 -36.21 6.82
CA GLY A 137 33.48 -37.44 6.06
C GLY A 137 34.62 -37.31 5.05
N LYS A 138 34.84 -36.11 4.53
CA LYS A 138 35.97 -35.91 3.68
C LYS A 138 37.29 -36.05 4.45
N GLU A 139 37.58 -35.08 5.31
CA GLU A 139 38.84 -35.05 6.05
C GLU A 139 39.26 -36.39 6.68
N LYS A 140 38.30 -37.26 6.98
CA LYS A 140 38.58 -38.51 7.66
C LYS A 140 38.47 -39.74 6.76
N GLY A 141 38.49 -39.55 5.45
CA GLY A 141 38.62 -40.66 4.52
C GLY A 141 37.40 -41.54 4.27
N TYR A 142 36.24 -41.14 4.76
CA TYR A 142 35.01 -41.86 4.47
C TYR A 142 34.63 -41.66 3.01
N PHE A 143 34.85 -40.45 2.52
CA PHE A 143 34.52 -40.08 1.15
C PHE A 143 35.80 -39.82 0.36
N PHE A 144 35.77 -40.01 -0.96
CA PHE A 144 36.94 -39.68 -1.78
C PHE A 144 37.24 -38.18 -1.70
N GLN A 145 38.50 -37.80 -1.85
CA GLN A 145 38.93 -36.49 -1.39
C GLN A 145 38.99 -35.42 -2.45
N GLU A 146 38.87 -35.83 -3.70
CA GLU A 146 38.78 -34.89 -4.77
C GLU A 146 37.34 -34.38 -4.89
N LEU A 147 36.47 -34.95 -4.04
CA LEU A 147 35.05 -34.59 -3.99
C LEU A 147 34.84 -33.13 -3.64
N ASP A 148 33.91 -32.50 -4.35
CA ASP A 148 33.55 -31.11 -4.10
C ASP A 148 32.36 -31.01 -3.16
N THR A 149 32.52 -30.23 -2.09
CA THR A 149 31.50 -30.14 -1.04
C THR A 149 30.19 -29.53 -1.54
N ARG A 150 30.26 -28.36 -2.16
CA ARG A 150 29.06 -27.67 -2.65
C ARG A 150 28.30 -28.51 -3.66
N LEU A 151 29.00 -29.37 -4.38
CA LEU A 151 28.35 -30.23 -5.37
C LEU A 151 27.66 -31.40 -4.71
N ALA A 152 28.34 -32.02 -3.74
CA ALA A 152 27.79 -33.15 -3.00
C ALA A 152 26.61 -32.70 -2.14
N ARG A 153 26.69 -31.47 -1.63
CA ARG A 153 25.62 -30.89 -0.83
C ARG A 153 24.33 -30.77 -1.65
N GLN A 154 24.48 -30.41 -2.92
CA GLN A 154 23.34 -30.24 -3.80
C GLN A 154 22.75 -31.58 -4.22
N MET A 155 23.58 -32.61 -4.25
CA MET A 155 23.10 -33.96 -4.54
C MET A 155 22.22 -34.48 -3.40
N ILE A 156 22.74 -34.36 -2.18
CA ILE A 156 22.04 -34.87 -1.01
C ILE A 156 20.70 -34.16 -0.80
N PHE A 157 20.72 -32.84 -0.72
CA PHE A 157 19.50 -32.07 -0.50
C PHE A 157 18.53 -32.22 -1.68
N GLY A 158 19.08 -32.24 -2.90
CA GLY A 158 18.27 -32.41 -4.09
C GLY A 158 17.53 -33.73 -4.07
N THR A 159 18.23 -34.78 -3.66
CA THR A 159 17.64 -36.12 -3.57
C THR A 159 16.55 -36.19 -2.50
N LEU A 160 16.88 -35.77 -1.29
CA LEU A 160 15.96 -35.84 -0.17
C LEU A 160 14.71 -35.01 -0.42
N ASP A 161 14.89 -33.76 -0.83
CA ASP A 161 13.77 -32.86 -1.08
C ASP A 161 12.88 -33.40 -2.19
N GLU A 162 13.48 -34.05 -3.17
CA GLU A 162 12.73 -34.65 -4.27
C GLU A 162 11.88 -35.82 -3.79
N VAL A 163 12.50 -36.74 -3.07
CA VAL A 163 11.80 -37.89 -2.50
C VAL A 163 10.64 -37.42 -1.63
N VAL A 164 10.88 -36.38 -0.83
CA VAL A 164 9.86 -35.85 0.06
C VAL A 164 8.69 -35.21 -0.70
N THR A 165 9.01 -34.32 -1.65
CA THR A 165 7.97 -33.62 -2.41
C THR A 165 7.12 -34.58 -3.23
N ASN A 166 7.71 -35.69 -3.65
CA ASN A 166 6.96 -36.72 -4.37
C ASN A 166 5.98 -37.43 -3.45
N TRP A 167 6.42 -37.70 -2.22
CA TRP A 167 5.59 -38.34 -1.22
C TRP A 167 4.41 -37.46 -0.82
N VAL A 168 4.60 -36.14 -0.92
CA VAL A 168 3.56 -35.19 -0.58
C VAL A 168 2.52 -35.05 -1.70
N MET A 169 2.99 -35.11 -2.94
CA MET A 169 2.10 -34.97 -4.10
C MET A 169 1.19 -36.17 -4.27
N LYS A 170 1.59 -37.30 -3.71
CA LYS A 170 0.75 -38.49 -3.74
C LYS A 170 0.00 -38.60 -2.40
N ASP A 171 -0.29 -37.44 -1.83
CA ASP A 171 -0.95 -37.27 -0.54
C ASP A 171 -0.50 -38.33 0.47
N CYS A 172 0.79 -38.28 0.80
CA CYS A 172 1.36 -38.99 1.94
C CYS A 172 0.93 -40.44 2.11
N LYS A 173 0.71 -41.15 1.01
CA LYS A 173 0.24 -42.52 1.07
C LYS A 173 1.28 -43.46 1.64
N TYR A 174 2.35 -43.70 0.89
CA TYR A 174 3.36 -44.68 1.30
C TYR A 174 4.19 -44.19 2.48
N ASP A 175 4.75 -45.14 3.22
CA ASP A 175 5.50 -44.86 4.43
C ASP A 175 6.88 -44.28 4.10
N LEU A 176 7.00 -42.97 4.24
CA LEU A 176 8.23 -42.26 3.91
C LEU A 176 9.44 -42.77 4.69
N THR A 177 9.20 -43.15 5.94
CA THR A 177 10.28 -43.61 6.82
C THR A 177 10.87 -44.94 6.36
N ALA A 178 10.10 -45.69 5.58
CA ALA A 178 10.57 -46.97 5.05
C ALA A 178 11.62 -46.76 3.95
N LEU A 179 11.68 -45.53 3.45
CA LEU A 179 12.59 -45.20 2.35
C LEU A 179 13.95 -44.72 2.84
N VAL A 180 14.12 -44.61 4.16
CA VAL A 180 15.37 -44.12 4.73
C VAL A 180 16.55 -44.98 4.33
N LYS A 181 16.45 -46.29 4.60
CA LYS A 181 17.52 -47.22 4.28
C LYS A 181 17.88 -47.27 2.77
N PRO A 182 16.87 -47.37 1.88
CA PRO A 182 17.21 -47.38 0.46
C PRO A 182 17.89 -46.09 -0.02
N VAL A 183 17.37 -44.94 0.38
CA VAL A 183 17.94 -43.66 -0.02
C VAL A 183 19.39 -43.54 0.44
N HIS A 184 19.63 -43.94 1.68
CA HIS A 184 20.96 -43.83 2.29
C HIS A 184 22.06 -44.54 1.49
N GLN A 185 21.80 -45.78 1.11
CA GLN A 185 22.79 -46.58 0.40
C GLN A 185 22.97 -46.11 -1.05
N LEU A 186 21.98 -45.37 -1.56
CA LEU A 186 22.10 -44.74 -2.86
C LEU A 186 23.04 -43.56 -2.80
N LEU A 187 22.90 -42.76 -1.75
CA LEU A 187 23.75 -41.60 -1.55
C LEU A 187 25.21 -42.01 -1.30
N LEU A 188 25.40 -43.16 -0.68
CA LEU A 188 26.73 -43.65 -0.36
C LEU A 188 27.40 -44.39 -1.51
N GLY A 189 26.68 -45.34 -2.10
CA GLY A 189 27.26 -46.23 -3.08
C GLY A 189 26.80 -46.04 -4.51
N GLY A 190 26.05 -44.96 -4.78
CA GLY A 190 25.61 -44.65 -6.12
C GLY A 190 24.75 -45.71 -6.80
N LEU A 191 24.61 -45.60 -8.11
CA LEU A 191 23.79 -46.51 -8.91
C LEU A 191 24.55 -47.80 -9.21
N ARG A 192 25.78 -47.66 -9.68
CA ARG A 192 26.70 -48.81 -9.79
C ARG A 192 27.00 -49.47 -8.44
N LYS B 4 -0.21 -25.02 -33.09
CA LYS B 4 -1.28 -25.03 -34.08
C LYS B 4 -1.01 -24.01 -35.20
N GLY B 5 -1.15 -22.73 -34.88
CA GLY B 5 -0.93 -21.67 -35.85
C GLY B 5 0.47 -21.07 -35.76
N PRO B 6 0.73 -20.02 -36.55
CA PRO B 6 2.02 -19.34 -36.57
C PRO B 6 2.19 -18.30 -35.46
N LYS B 7 1.11 -17.99 -34.76
CA LYS B 7 1.15 -17.04 -33.65
C LYS B 7 1.34 -17.81 -32.34
N TYR B 8 1.00 -19.10 -32.40
CA TYR B 8 1.18 -20.04 -31.30
C TYR B 8 2.62 -20.02 -30.78
N ASP B 9 3.56 -19.77 -31.68
CA ASP B 9 4.98 -19.77 -31.34
C ASP B 9 5.48 -18.39 -30.95
N GLN B 10 4.85 -17.36 -31.51
CA GLN B 10 5.15 -15.98 -31.12
C GLN B 10 4.76 -15.78 -29.66
N ILE B 11 3.59 -16.31 -29.31
CA ILE B 11 3.05 -16.18 -27.96
C ILE B 11 3.89 -16.92 -26.92
N ILE B 12 4.13 -18.20 -27.20
CA ILE B 12 4.89 -19.05 -26.29
C ILE B 12 6.30 -18.50 -26.06
N ASP B 13 6.93 -18.03 -27.13
CA ASP B 13 8.27 -17.47 -27.02
C ASP B 13 8.25 -16.12 -26.29
N ALA B 14 7.16 -15.39 -26.45
CA ALA B 14 7.00 -14.12 -25.76
C ALA B 14 6.85 -14.37 -24.26
N ALA B 15 6.00 -15.33 -23.92
CA ALA B 15 5.75 -15.69 -22.53
C ALA B 15 7.05 -16.04 -21.81
N VAL B 16 7.95 -16.69 -22.51
CA VAL B 16 9.26 -17.02 -21.95
C VAL B 16 10.04 -15.73 -21.68
N GLN B 17 10.08 -14.86 -22.68
CA GLN B 17 10.81 -13.59 -22.58
C GLN B 17 10.13 -12.54 -21.72
N VAL B 18 8.83 -12.68 -21.51
CA VAL B 18 8.11 -11.79 -20.62
C VAL B 18 8.36 -12.20 -19.18
N ILE B 19 8.26 -13.50 -18.92
CA ILE B 19 8.46 -14.04 -17.59
C ILE B 19 9.93 -13.93 -17.14
N ALA B 20 10.86 -14.12 -18.07
CA ALA B 20 12.28 -14.05 -17.75
C ALA B 20 12.71 -12.64 -17.34
N GLU B 21 12.17 -11.62 -18.00
CA GLU B 21 12.57 -10.25 -17.74
C GLU B 21 11.79 -9.62 -16.58
N HIS B 22 10.49 -9.92 -16.51
CA HIS B 22 9.61 -9.25 -15.56
C HIS B 22 9.31 -10.06 -14.33
N GLY B 23 9.41 -11.39 -14.47
CA GLY B 23 9.09 -12.27 -13.37
C GLY B 23 7.68 -12.83 -13.52
N TYR B 24 7.47 -14.00 -12.95
CA TYR B 24 6.15 -14.59 -12.94
C TYR B 24 5.07 -13.63 -12.42
N HIS B 25 5.22 -12.90 -11.31
CA HIS B 25 3.97 -12.23 -10.89
C HIS B 25 3.78 -10.94 -11.69
N GLN B 26 4.76 -10.60 -12.51
CA GLN B 26 4.60 -9.45 -13.36
C GLN B 26 4.52 -9.85 -14.83
N ALA B 27 3.73 -10.87 -15.12
CA ALA B 27 3.56 -11.35 -16.49
C ALA B 27 2.09 -11.55 -16.82
N GLN B 28 1.32 -10.47 -16.73
CA GLN B 28 -0.08 -10.50 -17.08
C GLN B 28 -0.23 -10.77 -18.57
N VAL B 29 -1.45 -11.12 -18.99
CA VAL B 29 -1.71 -11.48 -20.39
C VAL B 29 -1.33 -10.36 -21.34
N SER B 30 -1.66 -9.13 -20.98
CA SER B 30 -1.43 -7.98 -21.85
C SER B 30 0.05 -7.72 -22.10
N LYS B 31 0.89 -8.03 -21.12
CA LYS B 31 2.33 -7.85 -21.28
C LYS B 31 2.89 -8.93 -22.19
N ILE B 32 2.31 -10.12 -22.11
CA ILE B 32 2.66 -11.23 -22.99
C ILE B 32 2.20 -10.94 -24.41
N ALA B 33 1.00 -10.37 -24.51
CA ALA B 33 0.42 -10.01 -25.80
C ALA B 33 1.28 -9.00 -26.55
N LYS B 34 1.59 -7.88 -25.89
CA LYS B 34 2.35 -6.79 -26.50
C LYS B 34 3.74 -7.23 -26.96
N ALA B 35 4.31 -8.20 -26.26
CA ALA B 35 5.63 -8.71 -26.64
C ALA B 35 5.53 -9.62 -27.85
N ALA B 36 4.34 -10.17 -28.09
CA ALA B 36 4.12 -11.06 -29.21
C ALA B 36 3.56 -10.31 -30.42
N GLY B 37 3.39 -9.01 -30.27
CA GLY B 37 2.81 -8.19 -31.33
C GLY B 37 1.37 -8.58 -31.61
N VAL B 38 0.64 -8.88 -30.53
CA VAL B 38 -0.68 -9.48 -30.63
C VAL B 38 -1.60 -8.87 -29.57
N ALA B 39 -2.90 -8.79 -29.87
CA ALA B 39 -3.87 -8.25 -28.92
C ALA B 39 -4.23 -9.26 -27.84
N ASP B 40 -4.73 -8.77 -26.72
CA ASP B 40 -5.10 -9.63 -25.58
C ASP B 40 -6.02 -10.78 -25.96
N GLY B 41 -7.14 -10.46 -26.59
CA GLY B 41 -8.13 -11.46 -26.94
C GLY B 41 -7.69 -12.45 -28.00
N THR B 42 -6.61 -12.14 -28.71
CA THR B 42 -6.07 -13.03 -29.72
C THR B 42 -5.41 -14.24 -29.05
N ILE B 43 -4.87 -14.01 -27.86
CA ILE B 43 -4.32 -15.08 -27.02
C ILE B 43 -5.34 -16.21 -26.86
N TYR B 44 -6.61 -15.82 -26.73
CA TYR B 44 -7.68 -16.77 -26.49
C TYR B 44 -8.16 -17.44 -27.77
N LEU B 45 -7.55 -17.09 -28.90
CA LEU B 45 -7.82 -17.77 -30.16
C LEU B 45 -6.88 -18.96 -30.35
N TYR B 46 -5.76 -18.94 -29.65
CA TYR B 46 -4.72 -19.94 -29.83
C TYR B 46 -4.54 -20.82 -28.58
N PHE B 47 -4.80 -20.23 -27.42
CA PHE B 47 -4.85 -20.96 -26.16
C PHE B 47 -6.19 -20.59 -25.53
N ASN B 48 -6.68 -21.37 -24.57
CA ASN B 48 -7.96 -20.99 -23.96
C ASN B 48 -7.82 -20.61 -22.49
N ASN B 49 -6.59 -20.46 -22.05
CA ASN B 49 -6.31 -20.03 -20.68
C ASN B 49 -4.93 -19.41 -20.55
N LYS B 50 -4.75 -18.62 -19.50
CA LYS B 50 -3.41 -18.18 -19.13
C LYS B 50 -2.63 -19.42 -18.72
N GLU B 51 -3.34 -20.36 -18.07
CA GLU B 51 -2.75 -21.62 -17.67
C GLU B 51 -2.39 -22.49 -18.86
N ASP B 52 -3.24 -22.47 -19.90
CA ASP B 52 -2.97 -23.25 -21.10
C ASP B 52 -1.71 -22.74 -21.76
N VAL B 53 -1.52 -21.42 -21.74
CA VAL B 53 -0.30 -20.81 -22.27
C VAL B 53 0.92 -21.32 -21.53
N LEU B 54 0.85 -21.33 -20.20
CA LEU B 54 1.97 -21.73 -19.37
C LEU B 54 2.29 -23.22 -19.50
N ILE B 55 1.27 -24.06 -19.49
CA ILE B 55 1.47 -25.50 -19.64
C ILE B 55 1.98 -25.83 -21.04
N SER B 56 1.37 -25.23 -22.06
CA SER B 56 1.78 -25.44 -23.44
C SER B 56 3.23 -24.99 -23.65
N LEU B 57 3.61 -23.93 -22.94
CA LEU B 57 4.99 -23.46 -22.94
C LEU B 57 5.88 -24.61 -22.47
N PHE B 58 5.49 -25.21 -21.36
CA PHE B 58 6.28 -26.28 -20.75
C PHE B 58 6.30 -27.52 -21.63
N GLN B 59 5.12 -27.97 -22.05
CA GLN B 59 4.98 -29.13 -22.94
C GLN B 59 5.87 -29.05 -24.17
N GLU B 60 5.82 -27.92 -24.86
CA GLU B 60 6.61 -27.68 -26.06
C GLU B 60 8.11 -27.76 -25.75
N LYS B 61 8.53 -27.02 -24.74
CA LYS B 61 9.94 -26.95 -24.36
C LYS B 61 10.43 -28.27 -23.75
N MET B 62 9.55 -28.97 -23.04
CA MET B 62 9.90 -30.26 -22.47
C MET B 62 9.99 -31.35 -23.53
N GLY B 63 9.04 -31.32 -24.46
CA GLY B 63 9.04 -32.26 -25.57
C GLY B 63 10.33 -32.18 -26.37
N ARG B 64 10.76 -30.95 -26.66
CA ARG B 64 12.01 -30.72 -27.37
C ARG B 64 13.19 -31.18 -26.52
N PHE B 65 13.03 -31.13 -25.20
CA PHE B 65 14.11 -31.41 -24.27
C PHE B 65 14.38 -32.91 -24.15
N VAL B 66 13.33 -33.68 -23.90
CA VAL B 66 13.42 -35.12 -23.76
C VAL B 66 13.72 -35.79 -25.10
N ASP B 67 13.10 -35.29 -26.16
CA ASP B 67 13.32 -35.85 -27.50
C ASP B 67 14.77 -35.68 -27.94
N LYS B 68 15.36 -34.53 -27.63
CA LYS B 68 16.74 -34.27 -28.02
C LYS B 68 17.70 -35.15 -27.23
N ILE B 69 17.32 -35.48 -26.00
CA ILE B 69 18.15 -36.34 -25.15
C ILE B 69 18.07 -37.80 -25.61
N ARG B 70 16.85 -38.30 -25.75
CA ARG B 70 16.64 -39.69 -26.18
C ARG B 70 17.31 -39.95 -27.53
N SER B 71 17.35 -38.91 -28.36
CA SER B 71 18.05 -38.98 -29.64
C SER B 71 19.53 -39.29 -29.45
N GLN B 72 20.14 -38.62 -28.48
CA GLN B 72 21.57 -38.73 -28.24
C GLN B 72 21.97 -40.03 -27.56
N MET B 73 21.07 -40.58 -26.75
CA MET B 73 21.34 -41.84 -26.08
C MET B 73 21.17 -43.03 -27.02
N ASN B 74 20.34 -42.84 -28.04
CA ASN B 74 20.09 -43.88 -29.03
C ASN B 74 21.35 -44.36 -29.74
N GLU B 75 22.40 -43.55 -29.70
CA GLU B 75 23.66 -43.88 -30.34
C GLU B 75 24.46 -44.88 -29.51
N ALA B 76 24.86 -44.45 -28.31
CA ALA B 76 25.57 -45.34 -27.40
C ALA B 76 24.66 -46.49 -27.01
N THR B 77 25.23 -47.69 -26.89
CA THR B 77 24.45 -48.86 -26.51
C THR B 77 24.69 -49.22 -25.08
N ASP B 78 25.69 -48.58 -24.48
CA ASP B 78 26.12 -48.98 -23.14
C ASP B 78 25.68 -48.03 -22.05
N VAL B 79 25.05 -48.61 -21.03
CA VAL B 79 24.26 -47.85 -20.07
C VAL B 79 25.07 -46.88 -19.20
N GLU B 80 26.38 -47.06 -19.09
CA GLU B 80 27.18 -46.08 -18.36
C GLU B 80 27.24 -44.74 -19.14
N GLU B 81 27.44 -44.85 -20.45
CA GLU B 81 27.51 -43.66 -21.28
C GLU B 81 26.14 -43.05 -21.48
N LYS B 82 25.11 -43.89 -21.52
CA LYS B 82 23.74 -43.42 -21.66
C LYS B 82 23.37 -42.48 -20.50
N LEU B 83 23.83 -42.82 -19.30
CA LEU B 83 23.67 -41.92 -18.15
C LEU B 83 24.55 -40.69 -18.32
N LYS B 84 25.80 -40.93 -18.72
CA LYS B 84 26.76 -39.86 -18.97
C LYS B 84 26.23 -38.87 -20.00
N ILE B 85 25.65 -39.38 -21.07
CA ILE B 85 25.09 -38.55 -22.14
C ILE B 85 23.90 -37.75 -21.61
N LEU B 86 23.04 -38.41 -20.86
CA LEU B 86 21.89 -37.76 -20.23
C LEU B 86 22.32 -36.53 -19.42
N VAL B 87 23.36 -36.69 -18.60
CA VAL B 87 23.86 -35.62 -17.75
C VAL B 87 24.46 -34.49 -18.59
N ASN B 88 25.16 -34.87 -19.65
CA ASN B 88 25.68 -33.88 -20.59
C ASN B 88 24.55 -33.08 -21.23
N MET B 89 23.64 -33.79 -21.89
CA MET B 89 22.54 -33.15 -22.62
C MET B 89 21.62 -32.31 -21.73
N HIS B 90 21.34 -32.79 -20.53
CA HIS B 90 20.53 -32.03 -19.57
C HIS B 90 21.16 -30.67 -19.30
N PHE B 91 22.47 -30.68 -19.06
CA PHE B 91 23.18 -29.45 -18.72
C PHE B 91 23.45 -28.58 -19.94
N LYS B 92 23.67 -29.22 -21.08
CA LYS B 92 23.94 -28.51 -22.33
C LYS B 92 22.81 -27.59 -22.73
N GLN B 93 21.61 -28.14 -22.74
CA GLN B 93 20.43 -27.43 -23.20
C GLN B 93 20.09 -26.24 -22.31
N LEU B 94 20.35 -26.38 -21.01
CA LEU B 94 20.03 -25.33 -20.06
C LEU B 94 21.10 -24.25 -20.08
N ALA B 95 22.35 -24.66 -20.32
CA ALA B 95 23.44 -23.71 -20.47
C ALA B 95 23.28 -22.91 -21.76
N ALA B 96 22.62 -23.52 -22.74
CA ALA B 96 22.49 -22.92 -24.06
C ALA B 96 21.36 -21.89 -24.15
N ASP B 97 20.49 -21.89 -23.16
CA ASP B 97 19.41 -20.90 -23.11
C ASP B 97 19.16 -20.43 -21.69
N HIS B 98 19.86 -19.37 -21.28
CA HIS B 98 19.77 -18.85 -19.93
C HIS B 98 18.39 -18.28 -19.62
N LYS B 99 17.79 -17.65 -20.61
CA LYS B 99 16.48 -17.05 -20.43
C LYS B 99 15.41 -18.07 -20.04
N LEU B 100 15.36 -19.17 -20.78
CA LEU B 100 14.40 -20.23 -20.49
C LEU B 100 14.69 -20.87 -19.13
N ALA B 101 15.97 -21.02 -18.81
CA ALA B 101 16.40 -21.58 -17.54
C ALA B 101 15.82 -20.79 -16.38
N ILE B 102 15.83 -19.47 -16.51
CA ILE B 102 15.30 -18.59 -15.47
C ILE B 102 13.80 -18.80 -15.27
N VAL B 103 13.05 -18.89 -16.37
CA VAL B 103 11.62 -19.12 -16.29
C VAL B 103 11.30 -20.47 -15.66
N THR B 104 12.07 -21.50 -16.02
CA THR B 104 11.72 -22.87 -15.66
C THR B 104 12.28 -23.31 -14.30
N GLN B 105 13.40 -22.74 -13.87
CA GLN B 105 14.01 -23.16 -12.62
C GLN B 105 13.68 -22.20 -11.47
N LEU B 106 13.22 -21.01 -11.82
CA LEU B 106 13.00 -19.96 -10.83
C LEU B 106 11.56 -19.46 -10.78
N GLU B 107 11.12 -18.82 -11.85
CA GLU B 107 9.85 -18.07 -11.83
C GLU B 107 8.62 -18.98 -11.83
N LEU B 108 8.71 -20.14 -12.46
CA LEU B 108 7.59 -21.07 -12.45
C LEU B 108 7.44 -21.73 -11.09
N ARG B 109 8.49 -21.66 -10.28
CA ARG B 109 8.44 -22.19 -8.92
C ARG B 109 7.57 -21.31 -8.04
N GLN B 110 7.38 -20.06 -8.46
CA GLN B 110 6.53 -19.11 -7.75
C GLN B 110 5.08 -19.21 -8.20
N SER B 111 4.74 -20.31 -8.87
CA SER B 111 3.36 -20.54 -9.31
C SER B 111 2.48 -20.91 -8.13
N ASN B 112 1.17 -20.96 -8.36
CA ASN B 112 0.26 -21.54 -7.37
C ASN B 112 0.36 -23.08 -7.47
N THR B 113 -0.41 -23.78 -6.64
CA THR B 113 -0.13 -25.20 -6.41
C THR B 113 -0.64 -26.17 -7.50
N GLU B 114 -1.83 -25.96 -8.05
CA GLU B 114 -2.31 -26.86 -9.12
C GLU B 114 -1.83 -26.49 -10.52
N LEU B 115 -1.11 -25.37 -10.67
CA LEU B 115 -0.40 -25.14 -11.91
C LEU B 115 0.88 -25.97 -11.89
N ARG B 116 1.42 -26.16 -10.70
CA ARG B 116 2.65 -26.94 -10.53
C ARG B 116 2.37 -28.43 -10.59
N LEU B 117 1.23 -28.86 -10.06
CA LEU B 117 0.81 -30.26 -10.15
C LEU B 117 0.59 -30.63 -11.62
N LYS B 118 0.20 -29.64 -12.42
CA LYS B 118 0.04 -29.82 -13.86
C LYS B 118 1.40 -29.88 -14.55
N ILE B 119 2.31 -29.00 -14.14
CA ILE B 119 3.68 -29.01 -14.64
C ILE B 119 4.34 -30.34 -14.29
N ASN B 120 4.00 -30.86 -13.12
CA ASN B 120 4.53 -32.15 -12.65
C ASN B 120 4.08 -33.30 -13.55
N GLU B 121 2.89 -33.19 -14.13
CA GLU B 121 2.38 -34.20 -15.05
C GLU B 121 3.15 -34.18 -16.37
N VAL B 122 3.69 -33.02 -16.71
CA VAL B 122 4.43 -32.85 -17.95
C VAL B 122 5.84 -33.42 -17.80
N LEU B 123 6.31 -33.49 -16.55
CA LEU B 123 7.62 -34.05 -16.25
C LEU B 123 7.62 -35.58 -16.28
N LYS B 124 6.43 -36.17 -16.29
CA LYS B 124 6.27 -37.62 -16.30
C LYS B 124 7.00 -38.27 -17.48
N GLY B 125 7.07 -37.54 -18.60
CA GLY B 125 7.76 -38.02 -19.78
C GLY B 125 9.25 -38.22 -19.55
N TYR B 126 9.89 -37.21 -18.99
CA TYR B 126 11.33 -37.26 -18.69
C TYR B 126 11.63 -38.37 -17.69
N LEU B 127 10.77 -38.51 -16.70
CA LEU B 127 10.96 -39.51 -15.64
C LEU B 127 10.85 -40.92 -16.20
N ASN B 128 10.14 -41.07 -17.31
CA ASN B 128 10.06 -42.35 -18.00
C ASN B 128 11.40 -42.69 -18.64
N LEU B 129 11.97 -41.73 -19.34
CA LEU B 129 13.30 -41.88 -19.94
C LEU B 129 14.33 -42.29 -18.89
N LEU B 130 14.21 -41.70 -17.70
CA LEU B 130 15.08 -42.04 -16.59
C LEU B 130 14.83 -43.46 -16.08
N ASP B 131 13.57 -43.77 -15.81
CA ASP B 131 13.15 -45.06 -15.29
C ASP B 131 13.44 -46.15 -16.32
N GLU B 132 13.25 -45.81 -17.60
CA GLU B 132 13.54 -46.76 -18.67
C GLU B 132 15.03 -47.07 -18.73
N LEU B 133 15.86 -46.07 -18.45
CA LEU B 133 17.30 -46.27 -18.39
C LEU B 133 17.68 -47.14 -17.21
N LEU B 134 17.01 -46.93 -16.09
CA LEU B 134 17.37 -47.59 -14.83
C LEU B 134 17.04 -49.07 -14.80
N MET B 135 16.13 -49.50 -15.67
CA MET B 135 15.76 -50.91 -15.74
C MET B 135 16.61 -51.64 -16.77
N GLU B 136 17.06 -50.91 -17.78
CA GLU B 136 17.96 -51.47 -18.78
C GLU B 136 19.37 -51.60 -18.22
N GLY B 137 19.61 -50.89 -17.12
CA GLY B 137 20.89 -50.97 -16.43
C GLY B 137 20.90 -52.07 -15.40
N LYS B 138 19.72 -52.55 -15.05
CA LYS B 138 19.59 -53.63 -14.07
C LYS B 138 19.64 -55.01 -14.74
N GLU B 139 19.00 -55.12 -15.90
CA GLU B 139 18.99 -56.38 -16.63
C GLU B 139 20.38 -56.72 -17.16
N LYS B 140 21.03 -55.72 -17.75
CA LYS B 140 22.40 -55.90 -18.23
C LYS B 140 23.40 -55.75 -17.09
N GLY B 141 22.87 -55.49 -15.89
CA GLY B 141 23.67 -55.48 -14.68
C GLY B 141 24.75 -54.42 -14.58
N TYR B 142 24.41 -53.18 -14.92
CA TYR B 142 25.33 -52.07 -14.69
C TYR B 142 25.08 -51.45 -13.34
N PHE B 143 23.89 -51.71 -12.81
CA PHE B 143 23.46 -51.11 -11.56
C PHE B 143 23.16 -52.17 -10.52
N PHE B 144 23.10 -51.76 -9.26
CA PHE B 144 22.67 -52.62 -8.17
C PHE B 144 21.35 -53.33 -8.50
N GLN B 145 21.43 -54.65 -8.56
CA GLN B 145 20.39 -55.49 -9.14
C GLN B 145 19.13 -55.55 -8.30
N GLU B 146 19.13 -54.86 -7.16
CA GLU B 146 17.96 -54.85 -6.28
C GLU B 146 17.52 -53.36 -6.15
N LEU B 147 17.94 -52.57 -7.12
CA LEU B 147 17.65 -51.14 -7.13
C LEU B 147 16.15 -50.86 -7.21
N ASP B 148 15.67 -49.97 -6.34
CA ASP B 148 14.33 -49.43 -6.48
C ASP B 148 14.39 -48.31 -7.49
N THR B 149 13.76 -48.51 -8.65
CA THR B 149 13.87 -47.56 -9.74
C THR B 149 13.11 -46.27 -9.47
N ARG B 150 12.04 -46.36 -8.69
CA ARG B 150 11.25 -45.17 -8.34
C ARG B 150 12.10 -44.18 -7.55
N LEU B 151 12.92 -44.69 -6.65
CA LEU B 151 13.79 -43.84 -5.84
C LEU B 151 15.03 -43.41 -6.62
N ALA B 152 15.61 -44.34 -7.36
CA ALA B 152 16.82 -44.07 -8.13
C ALA B 152 16.58 -42.98 -9.17
N ARG B 153 15.34 -42.92 -9.67
CA ARG B 153 14.94 -41.87 -10.58
C ARG B 153 14.93 -40.52 -9.87
N GLN B 154 14.35 -40.51 -8.68
CA GLN B 154 14.18 -39.28 -7.91
C GLN B 154 15.50 -38.72 -7.40
N MET B 155 16.45 -39.61 -7.10
CA MET B 155 17.79 -39.16 -6.75
C MET B 155 18.43 -38.47 -7.94
N ILE B 156 18.26 -39.05 -9.11
CA ILE B 156 18.85 -38.54 -10.34
C ILE B 156 18.27 -37.18 -10.73
N PHE B 157 16.95 -37.09 -10.85
CA PHE B 157 16.33 -35.83 -11.22
C PHE B 157 16.54 -34.77 -10.15
N GLY B 158 16.37 -35.17 -8.89
CA GLY B 158 16.57 -34.27 -7.76
C GLY B 158 17.93 -33.61 -7.76
N THR B 159 18.96 -34.41 -8.04
CA THR B 159 20.33 -33.90 -8.08
C THR B 159 20.54 -32.96 -9.26
N LEU B 160 20.19 -33.43 -10.45
CA LEU B 160 20.34 -32.64 -11.68
C LEU B 160 19.60 -31.31 -11.59
N ASP B 161 18.40 -31.35 -11.01
CA ASP B 161 17.56 -30.16 -10.93
C ASP B 161 18.06 -29.18 -9.87
N GLU B 162 18.64 -29.72 -8.79
CA GLU B 162 19.20 -28.89 -7.74
C GLU B 162 20.47 -28.19 -8.22
N VAL B 163 21.37 -28.96 -8.82
CA VAL B 163 22.63 -28.42 -9.35
C VAL B 163 22.36 -27.32 -10.38
N VAL B 164 21.30 -27.51 -11.17
CA VAL B 164 20.91 -26.52 -12.18
C VAL B 164 20.31 -25.28 -11.55
N THR B 165 19.40 -25.47 -10.60
CA THR B 165 18.71 -24.35 -9.96
C THR B 165 19.70 -23.44 -9.24
N ASN B 166 20.73 -24.03 -8.63
CA ASN B 166 21.75 -23.25 -7.96
C ASN B 166 22.64 -22.50 -8.95
N TRP B 167 22.67 -22.97 -10.18
CA TRP B 167 23.46 -22.33 -11.23
C TRP B 167 22.81 -21.04 -11.71
N VAL B 168 21.48 -21.00 -11.67
CA VAL B 168 20.74 -19.83 -12.13
C VAL B 168 20.66 -18.76 -11.02
N MET B 169 20.65 -19.22 -9.77
CA MET B 169 20.60 -18.29 -8.64
C MET B 169 21.93 -17.56 -8.48
N LYS B 170 23.01 -18.18 -8.96
CA LYS B 170 24.31 -17.52 -9.00
C LYS B 170 24.47 -16.76 -10.32
N ASP B 171 23.34 -16.58 -11.01
CA ASP B 171 23.30 -15.86 -12.28
C ASP B 171 24.25 -16.43 -13.32
N CYS B 172 24.31 -17.75 -13.39
CA CYS B 172 25.09 -18.46 -14.41
C CYS B 172 26.57 -18.05 -14.43
N LYS B 173 27.11 -17.72 -13.26
CA LYS B 173 28.50 -17.34 -13.12
C LYS B 173 29.47 -18.36 -13.70
N TYR B 174 29.20 -19.64 -13.44
CA TYR B 174 30.15 -20.69 -13.76
C TYR B 174 29.71 -21.62 -14.90
N ASP B 175 30.69 -22.33 -15.46
CA ASP B 175 30.47 -23.26 -16.57
C ASP B 175 29.72 -24.48 -16.09
N LEU B 176 28.43 -24.54 -16.38
CA LEU B 176 27.57 -25.62 -15.92
C LEU B 176 27.99 -26.98 -16.48
N THR B 177 28.44 -27.01 -17.72
CA THR B 177 28.80 -28.26 -18.38
C THR B 177 30.12 -28.83 -17.86
N ALA B 178 30.91 -27.99 -17.20
CA ALA B 178 32.15 -28.44 -16.58
C ALA B 178 31.85 -29.32 -15.38
N LEU B 179 30.60 -29.28 -14.93
CA LEU B 179 30.17 -30.07 -13.78
C LEU B 179 29.62 -31.43 -14.17
N VAL B 180 29.56 -31.71 -15.47
CA VAL B 180 28.99 -32.96 -15.95
C VAL B 180 29.74 -34.16 -15.39
N LYS B 181 31.05 -34.21 -15.60
CA LYS B 181 31.87 -35.33 -15.12
C LYS B 181 31.78 -35.52 -13.59
N PRO B 182 31.94 -34.44 -12.79
CA PRO B 182 31.82 -34.66 -11.34
C PRO B 182 30.43 -35.12 -10.90
N VAL B 183 29.37 -34.57 -11.48
CA VAL B 183 28.01 -34.97 -11.13
C VAL B 183 27.73 -36.40 -11.61
N HIS B 184 28.10 -36.68 -12.86
CA HIS B 184 27.95 -38.01 -13.43
C HIS B 184 28.67 -39.09 -12.61
N GLN B 185 29.89 -38.80 -12.20
CA GLN B 185 30.68 -39.72 -11.40
C GLN B 185 30.07 -39.91 -10.01
N LEU B 186 29.42 -38.85 -9.50
CA LEU B 186 28.75 -38.91 -8.21
C LEU B 186 27.53 -39.83 -8.22
N LEU B 187 26.76 -39.79 -9.30
CA LEU B 187 25.54 -40.58 -9.40
C LEU B 187 25.83 -42.08 -9.47
N LEU B 188 26.88 -42.43 -10.21
CA LEU B 188 27.25 -43.83 -10.40
C LEU B 188 27.96 -44.42 -9.18
N GLY B 189 28.81 -43.61 -8.54
CA GLY B 189 29.68 -44.13 -7.50
C GLY B 189 29.27 -43.79 -6.08
N GLY B 190 28.63 -42.64 -5.90
CA GLY B 190 28.24 -42.20 -4.57
C GLY B 190 29.32 -41.36 -3.91
N LEU B 191 29.23 -41.21 -2.60
CA LEU B 191 30.16 -40.37 -1.86
C LEU B 191 31.44 -41.10 -1.46
N ARG B 192 31.35 -42.42 -1.34
CA ARG B 192 32.45 -43.24 -0.81
C ARG B 192 33.77 -43.07 -1.57
N HIS B 193 34.86 -43.40 -0.88
CA HIS B 193 36.20 -43.27 -1.43
C HIS B 193 36.47 -44.30 -2.53
N LYS D 3 -7.91 12.44 -27.59
CA LYS D 3 -9.28 12.30 -27.15
C LYS D 3 -9.37 11.54 -25.83
N LYS D 4 -10.36 11.89 -25.02
CA LYS D 4 -10.54 11.23 -23.72
C LYS D 4 -11.69 10.25 -23.74
N GLY D 5 -12.63 10.47 -24.65
CA GLY D 5 -13.80 9.59 -24.76
C GLY D 5 -14.88 9.98 -23.77
N PRO D 6 -16.14 9.64 -24.12
CA PRO D 6 -17.35 10.04 -23.37
C PRO D 6 -17.32 9.66 -21.89
N LYS D 7 -16.78 8.49 -21.57
CA LYS D 7 -16.79 7.99 -20.19
C LYS D 7 -15.93 8.83 -19.24
N TYR D 8 -14.95 9.55 -19.80
CA TYR D 8 -14.03 10.35 -19.00
C TYR D 8 -14.74 11.34 -18.08
N ASP D 9 -15.61 12.18 -18.64
CA ASP D 9 -16.31 13.16 -17.84
C ASP D 9 -17.67 12.65 -17.36
N GLN D 10 -18.04 11.44 -17.78
CA GLN D 10 -19.16 10.75 -17.17
C GLN D 10 -18.77 10.44 -15.73
N ILE D 11 -17.52 10.03 -15.57
CA ILE D 11 -16.95 9.72 -14.27
C ILE D 11 -16.76 10.98 -13.43
N ILE D 12 -16.08 11.97 -14.02
CA ILE D 12 -15.80 13.23 -13.35
C ILE D 12 -17.09 13.93 -12.89
N ASP D 13 -18.14 13.83 -13.70
CA ASP D 13 -19.41 14.43 -13.35
C ASP D 13 -20.12 13.65 -12.24
N ALA D 14 -20.18 12.32 -12.40
CA ALA D 14 -20.86 11.47 -11.43
C ALA D 14 -20.20 11.55 -10.06
N ALA D 15 -18.90 11.76 -10.04
CA ALA D 15 -18.16 11.89 -8.80
C ALA D 15 -18.61 13.15 -8.05
N VAL D 16 -18.77 14.25 -8.79
CA VAL D 16 -19.26 15.50 -8.22
C VAL D 16 -20.61 15.28 -7.56
N GLN D 17 -21.47 14.54 -8.24
CA GLN D 17 -22.83 14.26 -7.77
C GLN D 17 -22.84 13.43 -6.49
N VAL D 18 -21.97 12.42 -6.43
CA VAL D 18 -21.92 11.53 -5.28
C VAL D 18 -21.34 12.23 -4.05
N ILE D 19 -20.21 12.91 -4.24
CA ILE D 19 -19.56 13.63 -3.14
C ILE D 19 -20.45 14.75 -2.60
N ALA D 20 -21.29 15.32 -3.47
CA ALA D 20 -22.18 16.40 -3.06
C ALA D 20 -23.41 15.87 -2.33
N GLU D 21 -23.74 14.61 -2.53
CA GLU D 21 -24.93 14.03 -1.93
C GLU D 21 -24.60 13.14 -0.73
N HIS D 22 -23.37 12.64 -0.66
CA HIS D 22 -22.99 11.71 0.39
C HIS D 22 -21.80 12.20 1.21
N GLY D 23 -20.93 12.99 0.59
CA GLY D 23 -19.77 13.51 1.28
C GLY D 23 -18.46 12.90 0.81
N TYR D 24 -17.35 13.54 1.16
CA TYR D 24 -16.02 13.08 0.80
C TYR D 24 -15.70 11.73 1.40
N HIS D 25 -16.36 11.41 2.50
CA HIS D 25 -16.08 10.21 3.28
C HIS D 25 -16.96 9.02 2.91
N GLN D 26 -17.99 9.26 2.10
CA GLN D 26 -18.90 8.20 1.70
C GLN D 26 -19.08 8.14 0.18
N ALA D 27 -18.06 8.61 -0.54
CA ALA D 27 -18.08 8.52 -1.99
C ALA D 27 -17.12 7.43 -2.45
N GLN D 28 -17.54 6.18 -2.29
CA GLN D 28 -16.71 5.04 -2.66
C GLN D 28 -16.64 4.90 -4.17
N VAL D 29 -15.58 4.26 -4.65
CA VAL D 29 -15.35 4.06 -6.07
C VAL D 29 -16.53 3.35 -6.75
N SER D 30 -17.02 2.30 -6.10
CA SER D 30 -18.15 1.54 -6.63
C SER D 30 -19.41 2.40 -6.73
N LYS D 31 -19.57 3.33 -5.80
CA LYS D 31 -20.72 4.22 -5.81
C LYS D 31 -20.61 5.25 -6.93
N ILE D 32 -19.39 5.75 -7.15
CA ILE D 32 -19.13 6.65 -8.27
C ILE D 32 -19.30 5.90 -9.58
N ALA D 33 -18.80 4.66 -9.60
CA ALA D 33 -18.86 3.82 -10.80
C ALA D 33 -20.30 3.60 -11.26
N LYS D 34 -21.18 3.23 -10.33
CA LYS D 34 -22.57 3.00 -10.67
C LYS D 34 -23.26 4.30 -11.10
N ALA D 35 -22.87 5.40 -10.47
CA ALA D 35 -23.42 6.71 -10.80
C ALA D 35 -23.03 7.11 -12.22
N ALA D 36 -21.87 6.64 -12.67
CA ALA D 36 -21.40 6.91 -14.02
C ALA D 36 -21.92 5.86 -15.00
N GLY D 37 -22.44 4.77 -14.47
CA GLY D 37 -23.00 3.71 -15.28
C GLY D 37 -21.94 2.78 -15.86
N VAL D 38 -20.79 2.73 -15.21
CA VAL D 38 -19.69 1.88 -15.67
C VAL D 38 -19.23 0.94 -14.56
N ALA D 39 -18.48 -0.09 -14.94
CA ALA D 39 -17.92 -1.02 -13.97
C ALA D 39 -16.76 -0.37 -13.23
N ASP D 40 -16.55 -0.78 -11.97
CA ASP D 40 -15.54 -0.18 -11.11
C ASP D 40 -14.16 -0.12 -11.74
N GLY D 41 -13.77 -1.19 -12.42
CA GLY D 41 -12.47 -1.27 -13.06
C GLY D 41 -12.31 -0.32 -14.24
N THR D 42 -13.43 0.02 -14.88
CA THR D 42 -13.42 0.90 -16.05
C THR D 42 -12.95 2.30 -15.67
N ILE D 43 -13.18 2.66 -14.40
CA ILE D 43 -12.72 3.94 -13.87
C ILE D 43 -11.22 4.09 -14.01
N TYR D 44 -10.50 2.98 -13.79
CA TYR D 44 -9.05 2.98 -13.80
C TYR D 44 -8.47 2.88 -15.22
N LEU D 45 -9.35 2.92 -16.21
CA LEU D 45 -8.93 2.97 -17.60
C LEU D 45 -8.78 4.41 -18.06
N TYR D 46 -9.42 5.32 -17.34
CA TYR D 46 -9.37 6.74 -17.66
C TYR D 46 -8.66 7.53 -16.56
N PHE D 47 -8.33 6.84 -15.47
CA PHE D 47 -7.67 7.46 -14.34
C PHE D 47 -6.70 6.50 -13.66
N ASN D 48 -5.74 7.05 -12.94
CA ASN D 48 -4.79 6.23 -12.18
C ASN D 48 -5.39 5.81 -10.84
N ASN D 49 -5.70 6.77 -9.99
CA ASN D 49 -6.26 6.48 -8.69
C ASN D 49 -7.65 7.07 -8.51
N LYS D 50 -8.16 6.93 -7.28
CA LYS D 50 -9.34 7.65 -6.86
C LYS D 50 -8.97 9.12 -6.76
N GLU D 51 -7.71 9.37 -6.38
CA GLU D 51 -7.21 10.73 -6.23
C GLU D 51 -6.95 11.41 -7.57
N ASP D 52 -6.60 10.63 -8.58
CA ASP D 52 -6.43 11.18 -9.92
C ASP D 52 -7.79 11.63 -10.45
N VAL D 53 -8.85 10.96 -10.00
CA VAL D 53 -10.21 11.36 -10.34
C VAL D 53 -10.55 12.69 -9.66
N LEU D 54 -10.31 12.76 -8.34
CA LEU D 54 -10.59 13.96 -7.57
C LEU D 54 -9.79 15.15 -8.10
N ILE D 55 -8.53 14.91 -8.44
CA ILE D 55 -7.68 15.94 -9.01
C ILE D 55 -8.21 16.40 -10.37
N SER D 56 -8.46 15.45 -11.26
CA SER D 56 -9.00 15.75 -12.58
C SER D 56 -10.35 16.46 -12.44
N LEU D 57 -11.11 16.06 -11.44
CA LEU D 57 -12.38 16.70 -11.11
C LEU D 57 -12.15 18.17 -10.80
N PHE D 58 -11.25 18.43 -9.86
CA PHE D 58 -10.98 19.80 -9.43
C PHE D 58 -10.35 20.63 -10.53
N GLN D 59 -9.49 20.02 -11.34
CA GLN D 59 -8.83 20.75 -12.41
C GLN D 59 -9.81 21.23 -13.47
N GLU D 60 -10.59 20.32 -14.03
CA GLU D 60 -11.58 20.67 -15.05
C GLU D 60 -12.60 21.67 -14.52
N LYS D 61 -13.16 21.38 -13.34
CA LYS D 61 -14.24 22.17 -12.78
C LYS D 61 -13.79 23.51 -12.20
N MET D 62 -12.52 23.62 -11.82
CA MET D 62 -12.05 24.82 -11.13
C MET D 62 -10.75 25.40 -11.66
N GLY D 63 -10.20 24.81 -12.71
CA GLY D 63 -8.91 25.23 -13.24
C GLY D 63 -8.95 26.46 -14.12
N ARG D 64 -10.16 26.87 -14.50
CA ARG D 64 -10.35 28.06 -15.32
C ARG D 64 -11.05 29.15 -14.53
N PHE D 65 -11.27 28.88 -13.24
CA PHE D 65 -11.96 29.79 -12.33
C PHE D 65 -11.34 31.19 -12.33
N VAL D 66 -10.01 31.24 -12.26
CA VAL D 66 -9.29 32.51 -12.16
C VAL D 66 -9.16 33.18 -13.52
N ASP D 67 -8.87 32.38 -14.54
CA ASP D 67 -8.81 32.83 -15.93
C ASP D 67 -10.12 33.53 -16.30
N LYS D 68 -11.23 32.97 -15.83
CA LYS D 68 -12.54 33.54 -16.15
C LYS D 68 -12.79 34.87 -15.46
N ILE D 69 -12.52 34.95 -14.16
CA ILE D 69 -12.64 36.22 -13.43
C ILE D 69 -11.81 37.29 -14.10
N ARG D 70 -10.58 36.91 -14.42
CA ARG D 70 -9.60 37.80 -15.03
C ARG D 70 -10.09 38.44 -16.32
N SER D 71 -10.82 37.67 -17.13
CA SER D 71 -11.27 38.13 -18.44
C SER D 71 -12.42 39.14 -18.36
N GLN D 72 -13.12 39.17 -17.24
CA GLN D 72 -14.17 40.15 -17.04
C GLN D 72 -13.59 41.41 -16.43
N MET D 73 -12.55 41.24 -15.62
CA MET D 73 -11.84 42.36 -15.02
C MET D 73 -11.14 43.19 -16.10
N ASN D 74 -10.79 42.54 -17.21
CA ASN D 74 -10.14 43.22 -18.32
C ASN D 74 -11.06 44.19 -19.04
N GLU D 75 -12.37 43.95 -18.92
CA GLU D 75 -13.37 44.77 -19.57
C GLU D 75 -13.70 46.01 -18.74
N ALA D 76 -12.90 46.27 -17.72
CA ALA D 76 -13.06 47.46 -16.90
C ALA D 76 -11.75 48.23 -16.78
N THR D 77 -11.84 49.54 -16.64
CA THR D 77 -10.63 50.37 -16.53
C THR D 77 -10.44 50.87 -15.09
N ASP D 78 -11.56 51.11 -14.42
CA ASP D 78 -11.52 51.54 -13.01
C ASP D 78 -11.09 50.38 -12.14
N VAL D 79 -10.17 50.64 -11.22
CA VAL D 79 -9.61 49.60 -10.37
C VAL D 79 -10.62 49.13 -9.31
N GLU D 80 -11.43 50.06 -8.81
CA GLU D 80 -12.47 49.71 -7.86
C GLU D 80 -13.58 48.92 -8.55
N GLU D 81 -13.81 49.18 -9.83
CA GLU D 81 -14.80 48.43 -10.58
C GLU D 81 -14.31 47.02 -10.86
N LYS D 82 -13.00 46.87 -10.99
CA LYS D 82 -12.39 45.55 -11.17
C LYS D 82 -12.62 44.68 -9.93
N LEU D 83 -12.62 45.30 -8.77
CA LEU D 83 -12.84 44.60 -7.51
C LEU D 83 -14.28 44.14 -7.39
N LYS D 84 -15.20 44.99 -7.84
CA LYS D 84 -16.62 44.65 -7.87
C LYS D 84 -16.88 43.49 -8.82
N ILE D 85 -16.18 43.50 -9.96
CA ILE D 85 -16.28 42.42 -10.94
C ILE D 85 -15.73 41.12 -10.37
N LEU D 86 -14.60 41.23 -9.68
CA LEU D 86 -13.96 40.08 -9.04
C LEU D 86 -14.91 39.40 -8.07
N VAL D 87 -15.54 40.19 -7.21
CA VAL D 87 -16.53 39.67 -6.28
C VAL D 87 -17.70 39.08 -7.05
N ASN D 88 -18.16 39.81 -8.05
CA ASN D 88 -19.29 39.38 -8.86
C ASN D 88 -19.02 38.07 -9.59
N MET D 89 -17.79 37.92 -10.11
CA MET D 89 -17.42 36.73 -10.87
C MET D 89 -17.09 35.55 -9.95
N HIS D 90 -16.51 35.85 -8.79
CA HIS D 90 -16.29 34.85 -7.76
C HIS D 90 -17.62 34.25 -7.34
N PHE D 91 -18.58 35.12 -7.03
CA PHE D 91 -19.89 34.69 -6.57
C PHE D 91 -20.73 34.10 -7.69
N LYS D 92 -20.55 34.60 -8.91
CA LYS D 92 -21.33 34.13 -10.06
C LYS D 92 -21.06 32.67 -10.34
N GLN D 93 -19.79 32.31 -10.39
CA GLN D 93 -19.36 30.97 -10.79
C GLN D 93 -19.78 29.89 -9.78
N LEU D 94 -19.77 30.24 -8.50
CA LEU D 94 -20.14 29.28 -7.45
C LEU D 94 -21.66 29.16 -7.34
N ALA D 95 -22.36 30.26 -7.55
CA ALA D 95 -23.82 30.26 -7.52
C ALA D 95 -24.39 29.49 -8.70
N ALA D 96 -23.57 29.31 -9.73
CA ALA D 96 -24.00 28.68 -10.97
C ALA D 96 -23.86 27.16 -10.94
N ASP D 97 -23.29 26.63 -9.86
CA ASP D 97 -23.08 25.20 -9.72
C ASP D 97 -23.09 24.78 -8.25
N HIS D 98 -24.29 24.50 -7.74
CA HIS D 98 -24.48 24.23 -6.32
C HIS D 98 -23.80 22.94 -5.86
N LYS D 99 -23.71 21.95 -6.74
CA LYS D 99 -23.05 20.69 -6.40
C LYS D 99 -21.54 20.86 -6.36
N LEU D 100 -21.01 21.65 -7.28
CA LEU D 100 -19.58 21.92 -7.29
C LEU D 100 -19.21 22.80 -6.10
N ALA D 101 -20.15 23.63 -5.66
CA ALA D 101 -19.94 24.51 -4.52
C ALA D 101 -19.88 23.71 -3.22
N ILE D 102 -20.75 22.72 -3.11
CA ILE D 102 -20.76 21.86 -1.93
C ILE D 102 -19.48 21.03 -1.85
N VAL D 103 -19.05 20.52 -2.99
CA VAL D 103 -17.85 19.70 -3.08
C VAL D 103 -16.59 20.53 -2.82
N THR D 104 -16.58 21.77 -3.29
CA THR D 104 -15.39 22.62 -3.20
C THR D 104 -15.23 23.31 -1.85
N GLN D 105 -16.33 23.80 -1.28
CA GLN D 105 -16.26 24.56 -0.04
C GLN D 105 -16.27 23.69 1.21
N LEU D 106 -16.87 22.51 1.11
CA LEU D 106 -17.07 21.67 2.29
C LEU D 106 -16.37 20.32 2.24
N GLU D 107 -16.35 19.70 1.05
CA GLU D 107 -15.95 18.31 0.93
C GLU D 107 -14.46 18.10 0.61
N LEU D 108 -13.96 18.80 -0.39
CA LEU D 108 -12.58 18.60 -0.83
C LEU D 108 -11.57 19.29 0.07
N ARG D 109 -12.07 20.10 1.00
CA ARG D 109 -11.22 20.81 1.95
C ARG D 109 -10.43 19.85 2.83
N GLN D 110 -11.11 18.81 3.30
CA GLN D 110 -10.54 17.87 4.26
C GLN D 110 -9.54 16.91 3.66
N SER D 111 -9.07 17.19 2.45
CA SER D 111 -8.03 16.38 1.82
C SER D 111 -6.69 16.66 2.50
N ASN D 112 -5.82 15.65 2.53
CA ASN D 112 -4.54 15.77 3.19
C ASN D 112 -3.39 15.41 2.25
N THR D 113 -3.73 14.90 1.08
CA THR D 113 -2.74 14.31 0.18
C THR D 113 -2.39 15.21 -1.02
N GLU D 114 -2.12 14.58 -2.16
CA GLU D 114 -1.66 15.32 -3.33
C GLU D 114 -2.77 16.16 -3.93
N LEU D 115 -4.02 15.84 -3.60
CA LEU D 115 -5.15 16.64 -4.03
C LEU D 115 -5.01 18.06 -3.48
N ARG D 116 -4.46 18.16 -2.28
CA ARG D 116 -4.22 19.45 -1.64
C ARG D 116 -3.16 20.25 -2.38
N LEU D 117 -2.17 19.55 -2.93
CA LEU D 117 -1.10 20.20 -3.69
C LEU D 117 -1.67 20.85 -4.95
N LYS D 118 -2.59 20.16 -5.61
CA LYS D 118 -3.16 20.65 -6.86
C LYS D 118 -4.17 21.77 -6.64
N ILE D 119 -4.77 21.78 -5.45
CA ILE D 119 -5.71 22.85 -5.09
C ILE D 119 -4.95 24.12 -4.73
N ASN D 120 -3.86 23.97 -4.00
CA ASN D 120 -3.01 25.09 -3.63
C ASN D 120 -2.41 25.78 -4.87
N GLU D 121 -2.20 25.00 -5.92
CA GLU D 121 -1.77 25.55 -7.19
C GLU D 121 -2.83 26.48 -7.76
N VAL D 122 -4.06 25.96 -7.81
CA VAL D 122 -5.20 26.70 -8.35
C VAL D 122 -5.54 27.88 -7.45
N LEU D 123 -5.35 27.68 -6.14
CA LEU D 123 -5.59 28.74 -5.17
C LEU D 123 -4.55 29.85 -5.28
N LYS D 124 -3.30 29.47 -5.46
CA LYS D 124 -2.19 30.43 -5.51
C LYS D 124 -2.35 31.41 -6.66
N GLY D 125 -2.76 30.90 -7.83
CA GLY D 125 -3.00 31.73 -8.99
C GLY D 125 -4.04 32.80 -8.69
N TYR D 126 -5.04 32.41 -7.90
CA TYR D 126 -6.08 33.34 -7.47
C TYR D 126 -5.51 34.40 -6.54
N LEU D 127 -4.63 33.97 -5.63
CA LEU D 127 -3.96 34.87 -4.71
C LEU D 127 -3.07 35.85 -5.47
N ASN D 128 -2.49 35.39 -6.56
CA ASN D 128 -1.68 36.24 -7.42
C ASN D 128 -2.51 37.35 -8.04
N LEU D 129 -3.70 36.98 -8.51
CA LEU D 129 -4.64 37.92 -9.10
C LEU D 129 -5.04 38.99 -8.10
N LEU D 130 -5.16 38.60 -6.82
CA LEU D 130 -5.47 39.55 -5.76
C LEU D 130 -4.28 40.44 -5.44
N ASP D 131 -3.10 39.83 -5.34
CA ASP D 131 -1.86 40.58 -5.17
C ASP D 131 -1.71 41.60 -6.29
N GLU D 132 -1.80 41.10 -7.51
CA GLU D 132 -1.69 41.90 -8.73
C GLU D 132 -2.61 43.12 -8.72
N LEU D 133 -3.87 42.87 -8.42
CA LEU D 133 -4.89 43.93 -8.35
C LEU D 133 -4.55 44.94 -7.26
N LEU D 134 -4.23 44.45 -6.07
CA LEU D 134 -3.93 45.30 -4.93
C LEU D 134 -2.70 46.18 -5.16
N MET D 135 -1.74 45.66 -5.90
CA MET D 135 -0.53 46.43 -6.22
C MET D 135 -0.87 47.55 -7.20
N GLU D 136 -1.74 47.26 -8.16
CA GLU D 136 -2.21 48.28 -9.10
C GLU D 136 -2.97 49.38 -8.39
N GLY D 137 -3.78 48.98 -7.43
CA GLY D 137 -4.62 49.91 -6.69
C GLY D 137 -3.86 50.96 -5.89
N LYS D 138 -2.80 50.55 -5.21
CA LYS D 138 -2.05 51.49 -4.39
C LYS D 138 -0.94 52.17 -5.16
N GLU D 139 -0.60 51.63 -6.32
CA GLU D 139 0.40 52.26 -7.19
C GLU D 139 -0.23 53.43 -7.95
N LYS D 140 -1.56 53.45 -8.02
CA LYS D 140 -2.27 54.46 -8.79
C LYS D 140 -3.22 55.29 -7.92
N GLY D 141 -3.16 55.10 -6.61
CA GLY D 141 -3.85 55.96 -5.68
C GLY D 141 -5.25 55.56 -5.29
N TYR D 142 -5.72 54.42 -5.79
CA TYR D 142 -7.05 53.93 -5.42
C TYR D 142 -7.07 53.49 -3.96
N PHE D 143 -6.03 52.76 -3.57
CA PHE D 143 -5.93 52.24 -2.21
C PHE D 143 -4.84 52.99 -1.45
N PHE D 144 -5.00 53.11 -0.13
CA PHE D 144 -4.09 53.94 0.65
C PHE D 144 -2.65 53.41 0.60
N GLN D 145 -1.71 54.35 0.58
CA GLN D 145 -0.31 54.07 0.22
C GLN D 145 0.39 53.06 1.13
N GLU D 146 0.05 53.08 2.41
CA GLU D 146 0.74 52.28 3.41
C GLU D 146 0.19 50.85 3.52
N LEU D 147 -0.69 50.50 2.59
CA LEU D 147 -1.40 49.22 2.62
C LEU D 147 -0.49 48.01 2.45
N ASP D 148 -0.75 46.96 3.22
CA ASP D 148 -0.04 45.69 3.10
C ASP D 148 -0.79 44.76 2.17
N THR D 149 -0.12 44.30 1.12
CA THR D 149 -0.76 43.50 0.07
C THR D 149 -1.19 42.11 0.56
N ARG D 150 -0.28 41.39 1.20
CA ARG D 150 -0.57 40.02 1.62
C ARG D 150 -1.66 40.01 2.69
N LEU D 151 -1.70 41.06 3.51
CA LEU D 151 -2.71 41.18 4.56
C LEU D 151 -4.06 41.57 3.97
N ALA D 152 -4.04 42.39 2.92
CA ALA D 152 -5.26 42.80 2.23
C ALA D 152 -5.81 41.64 1.40
N ARG D 153 -4.91 40.87 0.81
CA ARG D 153 -5.26 39.67 0.04
C ARG D 153 -5.97 38.63 0.89
N GLN D 154 -5.42 38.42 2.09
CA GLN D 154 -6.06 37.70 3.21
C GLN D 154 -7.42 38.18 3.69
N MET D 155 -7.63 39.49 3.71
CA MET D 155 -8.92 40.03 4.14
C MET D 155 -9.99 39.77 3.10
N ILE D 156 -9.67 40.12 1.86
CA ILE D 156 -10.59 39.93 0.74
C ILE D 156 -11.00 38.47 0.58
N PHE D 157 -10.02 37.60 0.43
CA PHE D 157 -10.26 36.17 0.25
C PHE D 157 -11.07 35.58 1.40
N GLY D 158 -10.65 35.88 2.62
CA GLY D 158 -11.33 35.40 3.81
C GLY D 158 -12.77 35.86 3.88
N THR D 159 -13.00 37.10 3.45
CA THR D 159 -14.35 37.66 3.44
C THR D 159 -15.23 36.95 2.42
N LEU D 160 -14.69 36.73 1.23
CA LEU D 160 -15.42 36.04 0.17
C LEU D 160 -15.65 34.58 0.54
N ASP D 161 -14.60 33.93 1.03
CA ASP D 161 -14.65 32.51 1.37
C ASP D 161 -15.66 32.25 2.48
N GLU D 162 -15.73 33.14 3.46
CA GLU D 162 -16.67 33.01 4.57
C GLU D 162 -18.11 33.16 4.08
N VAL D 163 -18.36 34.20 3.29
CA VAL D 163 -19.69 34.45 2.75
C VAL D 163 -20.18 33.29 1.91
N VAL D 164 -19.30 32.79 1.03
CA VAL D 164 -19.64 31.66 0.18
C VAL D 164 -19.92 30.40 1.01
N THR D 165 -19.08 30.16 2.03
CA THR D 165 -19.18 28.97 2.85
C THR D 165 -20.48 28.91 3.65
N ASN D 166 -20.87 30.03 4.25
CA ASN D 166 -22.11 30.10 5.01
C ASN D 166 -23.34 29.92 4.14
N TRP D 167 -23.23 30.36 2.88
CA TRP D 167 -24.30 30.19 1.91
C TRP D 167 -24.47 28.71 1.54
N VAL D 168 -23.35 28.01 1.42
CA VAL D 168 -23.36 26.58 1.11
C VAL D 168 -23.92 25.77 2.28
N MET D 169 -23.69 26.25 3.50
CA MET D 169 -24.12 25.55 4.70
C MET D 169 -25.58 25.80 5.03
N LYS D 170 -26.11 26.94 4.60
CA LYS D 170 -27.55 27.16 4.66
C LYS D 170 -28.20 26.64 3.38
N ASP D 171 -27.58 25.61 2.81
CA ASP D 171 -28.18 24.77 1.76
C ASP D 171 -28.37 25.57 0.47
N CYS D 172 -27.52 26.56 0.25
CA CYS D 172 -27.51 27.37 -0.97
C CYS D 172 -28.84 28.07 -1.25
N LYS D 173 -29.73 28.13 -0.25
CA LYS D 173 -31.07 28.64 -0.48
C LYS D 173 -31.23 30.10 -0.07
N TYR D 174 -30.40 30.96 -0.66
CA TYR D 174 -30.66 32.39 -0.74
C TYR D 174 -29.72 32.97 -1.79
N ASP D 175 -30.17 34.02 -2.48
CA ASP D 175 -29.44 34.56 -3.63
C ASP D 175 -28.05 35.06 -3.22
N LEU D 176 -27.03 34.37 -3.68
CA LEU D 176 -25.64 34.70 -3.37
C LEU D 176 -25.16 35.94 -4.14
N THR D 177 -25.45 35.98 -5.44
CA THR D 177 -25.01 37.08 -6.28
C THR D 177 -25.63 38.41 -5.85
N ALA D 178 -26.75 38.34 -5.16
CA ALA D 178 -27.41 39.53 -4.63
C ALA D 178 -26.62 40.15 -3.47
N LEU D 179 -25.55 39.47 -3.06
CA LEU D 179 -24.70 39.95 -1.98
C LEU D 179 -23.44 40.63 -2.50
N VAL D 180 -23.29 40.71 -3.81
CA VAL D 180 -22.09 41.28 -4.41
C VAL D 180 -21.89 42.75 -4.03
N LYS D 181 -22.92 43.56 -4.28
CA LYS D 181 -22.85 44.99 -4.01
C LYS D 181 -22.54 45.32 -2.53
N PRO D 182 -23.23 44.67 -1.57
CA PRO D 182 -22.86 45.01 -0.18
C PRO D 182 -21.47 44.51 0.21
N VAL D 183 -21.06 43.35 -0.27
CA VAL D 183 -19.72 42.83 0.02
C VAL D 183 -18.66 43.73 -0.57
N HIS D 184 -18.83 44.07 -1.84
CA HIS D 184 -17.92 44.98 -2.54
C HIS D 184 -17.78 46.31 -1.81
N GLN D 185 -18.89 46.83 -1.33
CA GLN D 185 -18.92 48.10 -0.61
C GLN D 185 -18.18 48.00 0.73
N LEU D 186 -18.14 46.80 1.29
CA LEU D 186 -17.48 46.58 2.57
C LEU D 186 -15.97 46.45 2.42
N LEU D 187 -15.53 45.79 1.36
CA LEU D 187 -14.11 45.63 1.10
C LEU D 187 -13.45 46.96 0.75
N LEU D 188 -14.27 47.93 0.34
CA LEU D 188 -13.77 49.25 -0.05
C LEU D 188 -13.82 50.26 1.09
N GLY D 189 -14.97 50.37 1.74
CA GLY D 189 -15.19 51.42 2.72
C GLY D 189 -15.14 51.00 4.17
N GLY D 190 -15.09 49.71 4.43
CA GLY D 190 -15.07 49.20 5.79
C GLY D 190 -16.39 49.41 6.50
N LEU D 191 -16.36 49.30 7.83
CA LEU D 191 -17.58 49.38 8.63
C LEU D 191 -18.13 50.79 8.76
N ARG D 192 -17.24 51.78 8.75
CA ARG D 192 -17.66 53.18 8.86
C ARG D 192 -18.19 53.71 7.54
N LYS E 4 -19.15 15.78 35.24
CA LYS E 4 -17.81 15.75 34.68
C LYS E 4 -16.89 14.85 35.50
N GLY E 5 -15.66 15.32 35.72
CA GLY E 5 -14.69 14.55 36.48
C GLY E 5 -13.27 15.10 36.31
N PRO E 6 -12.32 14.57 37.08
CA PRO E 6 -10.92 15.02 37.04
C PRO E 6 -10.20 14.63 35.75
N LYS E 7 -10.56 13.49 35.18
CA LYS E 7 -9.90 12.98 33.99
C LYS E 7 -10.43 13.64 32.72
N TYR E 8 -11.60 14.27 32.84
CA TYR E 8 -12.24 14.98 31.75
C TYR E 8 -11.31 16.02 31.11
N ASP E 9 -10.55 16.71 31.95
CA ASP E 9 -9.68 17.78 31.48
C ASP E 9 -8.35 17.20 30.96
N GLN E 10 -7.91 16.10 31.55
CA GLN E 10 -6.72 15.42 31.07
C GLN E 10 -6.94 14.86 29.67
N ILE E 11 -8.17 14.41 29.43
CA ILE E 11 -8.52 13.84 28.13
C ILE E 11 -8.54 14.91 27.04
N ILE E 12 -9.20 16.02 27.31
CA ILE E 12 -9.31 17.11 26.35
C ILE E 12 -7.94 17.72 26.04
N ASP E 13 -7.11 17.87 27.06
CA ASP E 13 -5.76 18.40 26.86
C ASP E 13 -4.87 17.42 26.12
N ALA E 14 -5.10 16.13 26.36
CA ALA E 14 -4.37 15.09 25.64
C ALA E 14 -4.81 15.06 24.18
N ALA E 15 -6.08 15.38 23.95
CA ALA E 15 -6.61 15.42 22.60
C ALA E 15 -5.95 16.54 21.81
N VAL E 16 -5.74 17.68 22.44
CA VAL E 16 -5.02 18.79 21.81
C VAL E 16 -3.58 18.37 21.51
N GLN E 17 -2.95 17.74 22.49
CA GLN E 17 -1.55 17.34 22.37
C GLN E 17 -1.33 16.30 21.25
N VAL E 18 -2.20 15.31 21.18
CA VAL E 18 -2.08 14.26 20.17
C VAL E 18 -2.36 14.81 18.76
N ILE E 19 -3.45 15.56 18.63
CA ILE E 19 -3.85 16.11 17.33
C ILE E 19 -2.83 17.12 16.80
N ALA E 20 -2.29 17.95 17.68
CA ALA E 20 -1.31 18.96 17.27
C ALA E 20 0.02 18.32 16.88
N GLU E 21 0.29 17.12 17.41
CA GLU E 21 1.57 16.46 17.22
C GLU E 21 1.55 15.47 16.06
N HIS E 22 0.44 14.74 15.93
CA HIS E 22 0.33 13.68 14.94
C HIS E 22 -0.57 14.05 13.76
N GLY E 23 -1.32 15.13 13.92
CA GLY E 23 -2.33 15.49 12.94
C GLY E 23 -3.64 14.81 13.27
N TYR E 24 -4.69 15.16 12.54
CA TYR E 24 -6.02 14.63 12.80
C TYR E 24 -6.13 13.14 12.48
N HIS E 25 -5.60 12.74 11.34
CA HIS E 25 -5.74 11.37 10.85
C HIS E 25 -4.85 10.37 11.59
N GLN E 26 -4.12 10.85 12.60
CA GLN E 26 -3.28 9.99 13.40
C GLN E 26 -3.62 10.13 14.88
N ALA E 27 -4.83 10.59 15.17
CA ALA E 27 -5.28 10.77 16.54
C ALA E 27 -6.34 9.76 16.91
N GLN E 28 -5.97 8.49 16.93
CA GLN E 28 -6.86 7.42 17.36
C GLN E 28 -7.13 7.55 18.85
N VAL E 29 -8.23 6.94 19.30
CA VAL E 29 -8.64 7.03 20.69
C VAL E 29 -7.56 6.49 21.64
N SER E 30 -6.88 5.44 21.21
CA SER E 30 -5.84 4.82 22.02
C SER E 30 -4.69 5.77 22.30
N LYS E 31 -4.31 6.56 21.30
CA LYS E 31 -3.25 7.55 21.46
C LYS E 31 -3.66 8.65 22.44
N ILE E 32 -4.93 9.05 22.36
CA ILE E 32 -5.46 10.08 23.23
C ILE E 32 -5.59 9.55 24.66
N ALA E 33 -5.99 8.30 24.80
CA ALA E 33 -6.08 7.66 26.11
C ALA E 33 -4.69 7.54 26.74
N LYS E 34 -3.70 7.20 25.93
CA LYS E 34 -2.35 7.01 26.42
C LYS E 34 -1.70 8.32 26.85
N ALA E 35 -2.12 9.42 26.23
CA ALA E 35 -1.61 10.73 26.59
C ALA E 35 -2.38 11.31 27.77
N ALA E 36 -3.57 10.78 28.01
CA ALA E 36 -4.40 11.23 29.11
C ALA E 36 -4.10 10.46 30.38
N GLY E 37 -3.30 9.41 30.24
CA GLY E 37 -2.96 8.55 31.37
C GLY E 37 -4.14 7.72 31.80
N VAL E 38 -4.99 7.37 30.84
CA VAL E 38 -6.17 6.56 31.10
C VAL E 38 -6.27 5.41 30.10
N ALA E 39 -7.20 4.50 30.34
CA ALA E 39 -7.45 3.39 29.42
C ALA E 39 -8.40 3.84 28.32
N ASP E 40 -8.39 3.12 27.20
CA ASP E 40 -9.23 3.44 26.05
C ASP E 40 -10.71 3.49 26.42
N GLY E 41 -11.13 2.59 27.30
CA GLY E 41 -12.52 2.51 27.70
C GLY E 41 -12.94 3.57 28.71
N THR E 42 -11.96 4.09 29.44
CA THR E 42 -12.21 5.12 30.45
C THR E 42 -12.78 6.38 29.80
N ILE E 43 -12.35 6.65 28.58
CA ILE E 43 -12.79 7.81 27.82
C ILE E 43 -14.31 7.81 27.64
N TYR E 44 -14.91 6.63 27.61
CA TYR E 44 -16.36 6.51 27.44
C TYR E 44 -17.11 6.62 28.77
N LEU E 45 -16.38 6.83 29.85
CA LEU E 45 -17.01 7.14 31.14
C LEU E 45 -17.08 8.65 31.35
N TYR E 46 -16.65 9.39 30.35
CA TYR E 46 -16.61 10.85 30.43
C TYR E 46 -17.18 11.51 29.18
N PHE E 47 -17.14 10.79 28.07
CA PHE E 47 -17.70 11.27 26.81
C PHE E 47 -18.53 10.17 26.18
N ASN E 48 -19.44 10.54 25.29
CA ASN E 48 -20.25 9.54 24.60
C ASN E 48 -19.47 8.81 23.52
N ASN E 49 -18.67 9.55 22.77
CA ASN E 49 -17.82 8.96 21.74
C ASN E 49 -16.69 9.90 21.33
N LYS E 50 -15.94 9.50 20.31
CA LYS E 50 -14.81 10.29 19.83
C LYS E 50 -15.26 11.63 19.27
N GLU E 51 -16.49 11.66 18.75
CA GLU E 51 -17.04 12.91 18.24
C GLU E 51 -17.40 13.86 19.37
N ASP E 52 -17.85 13.31 20.50
CA ASP E 52 -18.15 14.14 21.66
C ASP E 52 -16.88 14.71 22.25
N VAL E 53 -15.82 13.90 22.27
CA VAL E 53 -14.52 14.36 22.74
C VAL E 53 -14.06 15.58 21.95
N LEU E 54 -14.23 15.53 20.64
CA LEU E 54 -13.84 16.61 19.75
C LEU E 54 -14.74 17.84 19.91
N ILE E 55 -16.05 17.63 19.91
CA ILE E 55 -17.00 18.73 20.11
C ILE E 55 -16.81 19.39 21.46
N SER E 56 -16.71 18.59 22.51
CA SER E 56 -16.50 19.10 23.86
C SER E 56 -15.21 19.89 23.93
N LEU E 57 -14.18 19.40 23.26
CA LEU E 57 -12.90 20.10 23.18
C LEU E 57 -13.10 21.51 22.64
N PHE E 58 -13.94 21.63 21.62
CA PHE E 58 -14.18 22.92 21.00
C PHE E 58 -15.03 23.81 21.91
N GLN E 59 -16.10 23.25 22.46
CA GLN E 59 -16.98 23.98 23.38
C GLN E 59 -16.21 24.60 24.54
N GLU E 60 -15.34 23.81 25.15
CA GLU E 60 -14.57 24.25 26.31
C GLU E 60 -13.58 25.36 25.96
N LYS E 61 -12.87 25.19 24.84
CA LYS E 61 -11.89 26.17 24.41
C LYS E 61 -12.59 27.44 23.90
N MET E 62 -13.67 27.26 23.16
CA MET E 62 -14.44 28.39 22.62
C MET E 62 -15.06 29.23 23.72
N GLY E 63 -15.73 28.56 24.67
CA GLY E 63 -16.39 29.22 25.77
C GLY E 63 -15.47 30.11 26.57
N ARG E 64 -14.26 29.63 26.82
CA ARG E 64 -13.25 30.44 27.48
C ARG E 64 -12.82 31.59 26.57
N PHE E 65 -12.54 31.25 25.31
CA PHE E 65 -12.09 32.19 24.30
C PHE E 65 -13.04 33.38 24.12
N VAL E 66 -14.34 33.10 24.21
CA VAL E 66 -15.36 34.13 23.99
C VAL E 66 -15.53 34.99 25.25
N ASP E 67 -15.48 34.36 26.41
CA ASP E 67 -15.64 35.07 27.67
C ASP E 67 -14.48 36.03 27.93
N LYS E 68 -13.26 35.57 27.68
CA LYS E 68 -12.07 36.39 27.87
C LYS E 68 -12.15 37.65 26.99
N ILE E 69 -12.75 37.49 25.82
CA ILE E 69 -12.98 38.63 24.93
C ILE E 69 -14.15 39.47 25.43
N ARG E 70 -15.23 38.80 25.81
CA ARG E 70 -16.45 39.48 26.24
C ARG E 70 -16.22 40.39 27.44
N SER E 71 -15.53 39.89 28.45
CA SER E 71 -15.27 40.65 29.66
C SER E 71 -14.32 41.82 29.39
N GLN E 72 -13.43 41.63 28.43
CA GLN E 72 -12.47 42.67 28.04
C GLN E 72 -13.16 43.84 27.36
N MET E 73 -14.22 43.56 26.61
CA MET E 73 -14.97 44.60 25.93
C MET E 73 -15.90 45.32 26.90
N ASN E 74 -16.33 44.62 27.93
CA ASN E 74 -17.19 45.21 28.96
C ASN E 74 -16.51 46.36 29.67
N GLU E 75 -15.18 46.39 29.58
CA GLU E 75 -14.39 47.49 30.13
C GLU E 75 -14.02 48.48 29.05
N ALA E 76 -15.00 48.85 28.22
CA ALA E 76 -14.79 49.81 27.15
C ALA E 76 -16.07 50.59 26.86
N THR E 77 -15.92 51.76 26.25
CA THR E 77 -17.06 52.63 25.96
C THR E 77 -17.30 52.78 24.46
N ASP E 78 -16.29 53.26 23.75
CA ASP E 78 -16.37 53.45 22.30
C ASP E 78 -16.45 52.06 21.64
N VAL E 79 -17.27 51.97 20.60
CA VAL E 79 -17.55 50.70 19.95
C VAL E 79 -16.42 50.28 19.02
N GLU E 80 -15.83 51.23 18.30
CA GLU E 80 -14.66 50.86 17.52
C GLU E 80 -13.45 50.68 18.42
N GLU E 81 -13.57 51.00 19.70
CA GLU E 81 -12.54 50.64 20.67
C GLU E 81 -12.77 49.18 21.09
N LYS E 82 -14.03 48.78 21.11
CA LYS E 82 -14.40 47.40 21.40
C LYS E 82 -13.99 46.46 20.26
N LEU E 83 -14.18 46.91 19.03
CA LEU E 83 -13.72 46.15 17.87
C LEU E 83 -12.22 45.99 17.90
N LYS E 84 -11.53 47.04 18.35
CA LYS E 84 -10.08 47.01 18.51
C LYS E 84 -9.62 45.93 19.48
N ILE E 85 -10.23 45.85 20.67
CA ILE E 85 -9.82 44.85 21.65
C ILE E 85 -10.24 43.44 21.22
N LEU E 86 -11.31 43.36 20.42
CA LEU E 86 -11.76 42.10 19.87
C LEU E 86 -10.67 41.52 18.97
N VAL E 87 -10.22 42.31 18.00
CA VAL E 87 -9.15 41.90 17.11
C VAL E 87 -7.87 41.61 17.89
N ASN E 88 -7.64 42.41 18.93
CA ASN E 88 -6.45 42.25 19.76
C ASN E 88 -6.50 41.00 20.63
N MET E 89 -7.64 40.75 21.28
CA MET E 89 -7.80 39.60 22.15
C MET E 89 -7.91 38.31 21.36
N HIS E 90 -8.57 38.37 20.22
CA HIS E 90 -8.65 37.25 19.29
C HIS E 90 -7.26 36.77 18.92
N PHE E 91 -6.42 37.70 18.50
CA PHE E 91 -5.07 37.39 18.05
C PHE E 91 -4.15 37.02 19.22
N LYS E 92 -4.41 37.58 20.39
CA LYS E 92 -3.56 37.31 21.55
C LYS E 92 -3.76 35.92 22.13
N GLN E 93 -4.99 35.42 22.07
CA GLN E 93 -5.29 34.10 22.60
C GLN E 93 -4.76 32.99 21.69
N LEU E 94 -4.73 33.26 20.39
CA LEU E 94 -4.20 32.31 19.42
C LEU E 94 -2.67 32.34 19.42
N ALA E 95 -2.11 33.52 19.66
CA ALA E 95 -0.66 33.67 19.69
C ALA E 95 -0.07 33.01 20.93
N ALA E 96 -0.86 32.92 21.99
CA ALA E 96 -0.38 32.42 23.27
C ALA E 96 -0.50 30.89 23.41
N ASP E 97 -1.22 30.27 22.49
CA ASP E 97 -1.32 28.80 22.49
C ASP E 97 -1.17 28.28 21.06
N HIS E 98 0.06 28.00 20.67
CA HIS E 98 0.35 27.57 19.31
C HIS E 98 -0.25 26.21 18.96
N LYS E 99 -0.04 25.23 19.83
CA LYS E 99 -0.46 23.86 19.57
C LYS E 99 -1.97 23.72 19.45
N LEU E 100 -2.71 24.53 20.22
CA LEU E 100 -4.15 24.55 20.08
C LEU E 100 -4.54 25.19 18.76
N ALA E 101 -3.77 26.22 18.37
CA ALA E 101 -4.04 26.96 17.14
C ALA E 101 -3.77 26.10 15.89
N ILE E 102 -3.00 25.04 16.06
CA ILE E 102 -2.76 24.10 14.97
C ILE E 102 -3.96 23.16 14.88
N VAL E 103 -4.42 22.69 16.04
CA VAL E 103 -5.60 21.84 16.13
C VAL E 103 -6.82 22.52 15.50
N THR E 104 -7.00 23.80 15.81
CA THR E 104 -8.19 24.53 15.39
C THR E 104 -8.16 24.97 13.93
N GLN E 105 -7.05 25.60 13.51
CA GLN E 105 -6.97 26.22 12.19
C GLN E 105 -6.50 25.25 11.10
N LEU E 106 -5.85 24.17 11.49
CA LEU E 106 -5.33 23.19 10.53
C LEU E 106 -6.05 21.86 10.55
N GLU E 107 -5.85 21.12 11.63
CA GLU E 107 -6.16 19.70 11.68
C GLU E 107 -7.66 19.39 11.73
N LEU E 108 -8.45 20.28 12.31
CA LEU E 108 -9.89 20.05 12.37
C LEU E 108 -10.55 20.37 11.04
N ARG E 109 -9.84 21.11 10.20
CA ARG E 109 -10.31 21.38 8.84
C ARG E 109 -10.17 20.12 7.99
N GLN E 110 -9.42 19.15 8.50
CA GLN E 110 -9.23 17.87 7.84
C GLN E 110 -10.22 16.81 8.31
N SER E 111 -11.29 17.24 8.98
CA SER E 111 -12.27 16.30 9.49
C SER E 111 -13.43 16.16 8.52
N ASN E 112 -14.24 15.12 8.70
CA ASN E 112 -15.42 14.94 7.86
C ASN E 112 -16.40 16.08 8.12
N THR E 113 -17.19 16.41 7.10
CA THR E 113 -17.98 17.64 7.10
C THR E 113 -19.03 17.69 8.19
N GLU E 114 -19.75 16.59 8.38
CA GLU E 114 -20.88 16.57 9.31
C GLU E 114 -20.42 16.50 10.77
N LEU E 115 -19.13 16.75 10.99
CA LEU E 115 -18.61 17.05 12.32
C LEU E 115 -18.24 18.53 12.36
N ARG E 116 -17.78 19.04 11.23
CA ARG E 116 -17.46 20.46 11.10
C ARG E 116 -18.72 21.31 11.20
N LEU E 117 -19.85 20.74 10.78
CA LEU E 117 -21.14 21.41 10.91
C LEU E 117 -21.59 21.43 12.36
N LYS E 118 -21.00 20.57 13.18
CA LYS E 118 -21.23 20.62 14.61
C LYS E 118 -20.30 21.64 15.24
N ILE E 119 -19.17 21.88 14.59
CA ILE E 119 -18.18 22.82 15.08
C ILE E 119 -18.67 24.27 15.00
N ASN E 120 -19.41 24.59 13.94
CA ASN E 120 -19.88 25.97 13.79
C ASN E 120 -21.24 26.23 14.45
N GLU E 121 -21.83 25.21 15.07
CA GLU E 121 -22.93 25.47 16.00
C GLU E 121 -22.31 26.05 17.27
N VAL E 122 -21.18 25.46 17.66
CA VAL E 122 -20.38 25.98 18.76
C VAL E 122 -19.99 27.42 18.50
N LEU E 123 -19.66 27.71 17.24
CA LEU E 123 -19.14 29.02 16.85
C LEU E 123 -20.15 30.16 16.87
N LYS E 124 -21.43 29.82 16.95
CA LYS E 124 -22.48 30.83 16.83
C LYS E 124 -22.47 31.73 18.07
N GLY E 125 -21.97 31.19 19.18
CA GLY E 125 -21.78 31.98 20.38
C GLY E 125 -20.89 33.17 20.10
N TYR E 126 -19.73 32.90 19.50
CA TYR E 126 -18.79 33.94 19.11
C TYR E 126 -19.39 34.88 18.07
N LEU E 127 -20.06 34.31 17.07
CA LEU E 127 -20.66 35.11 16.01
C LEU E 127 -21.73 36.04 16.54
N ASN E 128 -22.50 35.56 17.50
CA ASN E 128 -23.54 36.36 18.14
C ASN E 128 -22.93 37.57 18.84
N LEU E 129 -21.76 37.36 19.44
CA LEU E 129 -21.00 38.43 20.08
C LEU E 129 -20.65 39.52 19.07
N LEU E 130 -20.32 39.09 17.85
CA LEU E 130 -20.02 40.03 16.77
C LEU E 130 -21.27 40.75 16.32
N ASP E 131 -22.36 40.02 16.19
CA ASP E 131 -23.65 40.62 15.82
C ASP E 131 -24.05 41.67 16.85
N GLU E 132 -23.72 41.42 18.12
CA GLU E 132 -24.01 42.34 19.19
C GLU E 132 -23.25 43.65 19.03
N LEU E 133 -21.96 43.52 18.76
CA LEU E 133 -21.09 44.65 18.55
C LEU E 133 -21.55 45.50 17.36
N LEU E 134 -21.87 44.82 16.26
CA LEU E 134 -22.23 45.50 15.02
C LEU E 134 -23.51 46.33 15.14
N MET E 135 -24.53 45.77 15.78
CA MET E 135 -25.78 46.51 15.97
C MET E 135 -25.63 47.63 17.01
N GLU E 136 -24.81 47.40 18.02
CA GLU E 136 -24.51 48.45 18.98
C GLU E 136 -23.85 49.62 18.28
N GLY E 137 -22.91 49.30 17.38
CA GLY E 137 -22.23 50.31 16.59
C GLY E 137 -23.16 51.04 15.66
N LYS E 138 -24.22 50.34 15.23
CA LYS E 138 -25.22 50.97 14.36
C LYS E 138 -25.99 52.03 15.12
N GLU E 139 -26.51 51.67 16.30
CA GLU E 139 -27.29 52.60 17.11
C GLU E 139 -26.53 53.90 17.41
N LYS E 140 -25.38 53.78 18.06
CA LYS E 140 -24.58 54.94 18.44
C LYS E 140 -23.92 55.63 17.24
N GLY E 141 -24.22 55.14 16.04
CA GLY E 141 -23.76 55.78 14.82
C GLY E 141 -22.27 55.66 14.56
N TYR E 142 -21.69 54.54 14.99
CA TYR E 142 -20.26 54.31 14.78
C TYR E 142 -20.00 53.75 13.38
N PHE E 143 -20.95 52.95 12.89
CA PHE E 143 -20.88 52.38 11.56
C PHE E 143 -22.00 52.95 10.71
N PHE E 144 -21.92 52.82 9.39
CA PHE E 144 -23.04 53.25 8.55
C PHE E 144 -24.19 52.26 8.80
N GLN E 145 -25.42 52.67 8.51
CA GLN E 145 -26.54 52.04 9.21
C GLN E 145 -27.56 51.23 8.38
N GLU E 146 -27.30 51.05 7.09
CA GLU E 146 -27.95 49.97 6.37
C GLU E 146 -26.91 48.88 6.18
N LEU E 147 -25.96 48.87 7.10
CA LEU E 147 -24.98 47.81 7.22
C LEU E 147 -25.70 46.52 7.57
N ASP E 148 -25.54 45.51 6.71
CA ASP E 148 -26.10 44.21 6.98
C ASP E 148 -25.20 43.49 8.00
N THR E 149 -25.61 43.52 9.27
CA THR E 149 -24.80 42.96 10.34
C THR E 149 -24.47 41.49 10.09
N ARG E 150 -25.43 40.75 9.55
CA ARG E 150 -25.24 39.34 9.22
C ARG E 150 -24.08 39.17 8.23
N LEU E 151 -23.90 40.16 7.38
CA LEU E 151 -22.87 40.13 6.35
C LEU E 151 -21.54 40.66 6.87
N ALA E 152 -21.60 41.81 7.56
CA ALA E 152 -20.41 42.40 8.15
C ALA E 152 -19.81 41.48 9.20
N ARG E 153 -20.65 40.64 9.80
CA ARG E 153 -20.20 39.60 10.71
C ARG E 153 -19.26 38.62 10.00
N GLN E 154 -19.66 38.25 8.78
CA GLN E 154 -18.92 37.27 8.01
C GLN E 154 -17.60 37.83 7.46
N MET E 155 -17.55 39.15 7.26
CA MET E 155 -16.31 39.78 6.83
C MET E 155 -15.28 39.79 7.95
N ILE E 156 -15.70 40.23 9.13
CA ILE E 156 -14.82 40.32 10.30
C ILE E 156 -14.22 38.97 10.64
N PHE E 157 -15.08 38.00 10.93
CA PHE E 157 -14.63 36.66 11.30
C PHE E 157 -13.82 36.02 10.17
N GLY E 158 -14.34 36.09 8.96
CA GLY E 158 -13.67 35.55 7.79
C GLY E 158 -12.26 36.09 7.62
N THR E 159 -12.09 37.39 7.90
CA THR E 159 -10.78 38.02 7.81
C THR E 159 -9.85 37.54 8.91
N LEU E 160 -10.27 37.71 10.16
CA LEU E 160 -9.50 37.29 11.33
C LEU E 160 -9.03 35.85 11.21
N ASP E 161 -9.92 34.97 10.75
CA ASP E 161 -9.63 33.55 10.68
C ASP E 161 -8.63 33.22 9.58
N GLU E 162 -8.75 33.92 8.45
CA GLU E 162 -7.83 33.72 7.33
C GLU E 162 -6.44 34.23 7.68
N VAL E 163 -6.40 35.38 8.36
CA VAL E 163 -5.15 35.98 8.80
C VAL E 163 -4.43 35.06 9.77
N VAL E 164 -5.19 34.40 10.63
CA VAL E 164 -4.63 33.48 11.62
C VAL E 164 -4.21 32.17 10.98
N THR E 165 -5.06 31.65 10.10
CA THR E 165 -4.79 30.38 9.42
C THR E 165 -3.48 30.45 8.62
N ASN E 166 -3.20 31.62 8.05
CA ASN E 166 -1.95 31.79 7.31
C ASN E 166 -0.74 31.88 8.24
N TRP E 167 -0.99 32.22 9.50
CA TRP E 167 0.07 32.37 10.49
C TRP E 167 0.57 31.01 10.94
N VAL E 168 -0.34 30.05 11.04
CA VAL E 168 0.02 28.68 11.38
C VAL E 168 0.46 27.88 10.16
N MET E 169 0.01 28.28 8.98
CA MET E 169 0.48 27.67 7.74
C MET E 169 1.97 27.96 7.52
N LYS E 170 2.49 28.94 8.25
CA LYS E 170 3.90 29.33 8.12
C LYS E 170 4.64 29.23 9.45
N ASP E 171 4.21 28.29 10.30
CA ASP E 171 4.88 27.93 11.55
C ASP E 171 5.07 29.11 12.50
N CYS E 172 4.14 30.07 12.45
CA CYS E 172 4.18 31.25 13.31
C CYS E 172 5.50 31.99 13.16
N LYS E 173 5.97 32.08 11.91
CA LYS E 173 7.25 32.70 11.60
C LYS E 173 7.29 34.19 11.96
N TYR E 174 6.11 34.80 12.08
CA TYR E 174 6.03 36.22 12.40
C TYR E 174 5.07 36.50 13.56
N ASP E 175 5.20 37.71 14.13
CA ASP E 175 4.41 38.10 15.27
C ASP E 175 2.97 38.39 14.86
N LEU E 176 2.07 37.51 15.27
CA LEU E 176 0.64 37.63 14.96
C LEU E 176 0.03 38.91 15.54
N THR E 177 0.63 39.40 16.62
CA THR E 177 0.04 40.53 17.35
C THR E 177 0.46 41.89 16.80
N ALA E 178 1.47 41.91 15.94
CA ALA E 178 1.88 43.15 15.28
C ALA E 178 0.92 43.47 14.15
N LEU E 179 0.12 42.48 13.79
CA LEU E 179 -0.85 42.63 12.70
C LEU E 179 -2.17 43.24 13.18
N VAL E 180 -2.33 43.36 14.49
CA VAL E 180 -3.61 43.74 15.07
C VAL E 180 -4.22 45.03 14.48
N LYS E 181 -3.47 46.12 14.45
CA LYS E 181 -3.98 47.41 13.93
C LYS E 181 -3.89 47.59 12.42
N PRO E 182 -2.92 46.95 11.78
CA PRO E 182 -3.08 46.96 10.33
C PRO E 182 -4.36 46.24 9.91
N VAL E 183 -4.59 45.07 10.51
CA VAL E 183 -5.82 44.34 10.29
C VAL E 183 -7.01 45.15 10.75
N HIS E 184 -6.94 45.73 11.95
CA HIS E 184 -8.08 46.45 12.47
C HIS E 184 -8.49 47.59 11.55
N GLN E 185 -7.49 48.33 11.07
CA GLN E 185 -7.77 49.52 10.28
C GLN E 185 -8.54 49.12 9.03
N LEU E 186 -8.17 47.96 8.49
CA LEU E 186 -8.80 47.44 7.29
C LEU E 186 -10.29 47.19 7.50
N LEU E 187 -10.63 46.63 8.67
CA LEU E 187 -12.02 46.33 8.98
C LEU E 187 -12.87 47.59 9.08
N LEU E 188 -12.34 48.62 9.72
CA LEU E 188 -13.09 49.86 9.87
C LEU E 188 -13.07 50.74 8.63
N GLY E 189 -11.91 50.86 7.99
CA GLY E 189 -11.72 51.84 6.93
C GLY E 189 -11.71 51.33 5.51
N GLY E 190 -11.71 50.01 5.34
CA GLY E 190 -11.69 49.43 4.01
C GLY E 190 -10.36 49.64 3.29
N LEU E 191 -10.40 49.65 1.96
CA LEU E 191 -9.19 49.69 1.15
C LEU E 191 -8.80 51.08 0.64
N ARG E 192 -9.76 51.99 0.57
CA ARG E 192 -9.52 53.28 -0.06
C ARG E 192 -8.68 54.25 0.75
N HIS E 193 -8.14 55.26 0.07
CA HIS E 193 -7.32 56.29 0.70
C HIS E 193 -8.13 57.12 1.70
#